data_2ZXA
#
_entry.id   2ZXA
#
_cell.length_a   180.562
_cell.length_b   180.562
_cell.length_c   169.345
_cell.angle_alpha   90.00
_cell.angle_beta   90.00
_cell.angle_gamma   120.00
#
_symmetry.space_group_name_H-M   'H 3 2'
#
loop_
_entity.id
_entity.type
_entity.pdbx_description
1 polymer 'Alpha-L-fucosidase, putative'
2 non-polymer N-{[(2R,3R,4R,5R,6S)-3,4,5-trihydroxy-6-methylpiperidin-2-yl]methyl}acetamide
3 water water
#
_entity_poly.entity_id   1
_entity_poly.type   'polypeptide(L)'
_entity_poly.pdbx_seq_one_letter_code
;MISMKPRYKPDWESLREHTVPKWFDKAKFGIFIHWGIYSVPGWATPTGELGKVPMDAWFFQNPYAEWYENSLRIKESPTW
EYHVKTYGENFEYEKFADLFTAEKWDPQEWADLFKKAGAKYVIPTTKHHDGFCLWGTKYTDFNSVKRGPKRDLVGDLAKA
VREAGLRFGVYYSGGLDWRFTTEPIRYPEDLSYIRPNTYEYADYAYKQVMELVDLYLPDVLWNDMGWPEKGKEDLKYLFA
YYYNKHPEGSVNDRWGVPHWDFKTAEYHVNYPGDLPGYKWEFTRGIGLSFGYNRNEGPEHMLSVEQLVYTLVDVVSKGGN
LLLNVGPKGDGTIPDLQKERLLGLGEWLRKYGDAIYGTSVWERCCAKTEDGTEIRFTRKCNRIFVIFLGIPTGEKIVIED
LNLSAGTVRHFLTGERLSFKNVGKNLEITVPKKLLETDSITLVLEAVEEHHHHHH
;
_entity_poly.pdbx_strand_id   A,B
#
# COMPACT_ATOMS: atom_id res chain seq x y z
N ARG A 7 16.47 8.09 3.03
CA ARG A 7 16.40 7.56 1.61
C ARG A 7 15.88 6.08 1.41
N TYR A 8 15.39 5.74 0.24
CA TYR A 8 15.05 4.36 0.01
C TYR A 8 16.39 3.61 -0.21
N LYS A 9 16.50 2.36 0.24
CA LYS A 9 17.74 1.64 0.05
C LYS A 9 17.58 0.67 -1.09
N PRO A 10 18.70 0.20 -1.65
CA PRO A 10 18.56 -0.74 -2.75
C PRO A 10 18.27 -2.16 -2.28
N ASP A 11 17.09 -2.37 -1.77
CA ASP A 11 16.69 -3.71 -1.35
C ASP A 11 15.16 -3.76 -1.27
N TRP A 12 14.59 -4.91 -1.63
CA TRP A 12 13.13 -5.05 -1.68
C TRP A 12 12.36 -4.69 -0.43
N GLU A 13 12.95 -4.96 0.75
CA GLU A 13 12.28 -4.67 2.03
C GLU A 13 12.09 -3.17 2.19
N SER A 14 13.12 -2.44 1.86
CA SER A 14 13.03 -0.99 1.89
C SER A 14 12.11 -0.38 0.77
N LEU A 15 12.23 -0.91 -0.45
CA LEU A 15 11.44 -0.41 -1.57
C LEU A 15 9.94 -0.63 -1.35
N ARG A 16 9.61 -1.60 -0.49
CA ARG A 16 8.22 -1.93 -0.16
C ARG A 16 7.54 -0.64 0.41
N GLU A 17 8.32 0.15 1.12
CA GLU A 17 7.90 1.43 1.68
C GLU A 17 7.25 2.36 0.71
N HIS A 18 7.70 2.33 -0.56
CA HIS A 18 7.12 3.19 -1.56
C HIS A 18 5.83 2.66 -2.05
N THR A 19 4.76 3.44 -2.02
CA THR A 19 3.52 2.88 -2.56
C THR A 19 3.02 3.82 -3.60
N VAL A 20 2.11 3.31 -4.43
CA VAL A 20 1.55 4.07 -5.54
C VAL A 20 1.22 5.51 -5.08
N PRO A 21 1.75 6.48 -5.79
CA PRO A 21 1.46 7.83 -5.36
C PRO A 21 0.03 8.25 -5.50
N LYS A 22 -0.31 9.20 -4.65
CA LYS A 22 -1.64 9.74 -4.57
C LYS A 22 -2.10 10.27 -5.90
N TRP A 23 -1.21 10.95 -6.60
CA TRP A 23 -1.62 11.53 -7.85
C TRP A 23 -2.05 10.46 -8.90
N PHE A 24 -1.40 9.30 -8.88
CA PHE A 24 -1.73 8.27 -9.86
C PHE A 24 -3.07 7.68 -9.52
N ASP A 25 -3.24 7.40 -8.25
CA ASP A 25 -4.45 6.85 -7.77
C ASP A 25 -5.64 7.71 -8.12
N LYS A 26 -5.49 9.02 -7.99
CA LYS A 26 -6.56 9.96 -8.25
C LYS A 26 -6.80 10.29 -9.71
N ALA A 27 -5.75 10.12 -10.50
CA ALA A 27 -5.85 10.39 -11.93
C ALA A 27 -6.67 9.20 -12.40
N LYS A 28 -7.53 9.28 -13.36
CA LYS A 28 -8.17 7.94 -13.53
C LYS A 28 -8.01 7.45 -14.93
N PHE A 29 -7.43 8.34 -15.72
CA PHE A 29 -7.29 8.12 -17.09
C PHE A 29 -5.98 8.68 -17.57
N GLY A 30 -5.34 7.88 -18.43
CA GLY A 30 -4.10 8.27 -19.06
C GLY A 30 -4.08 7.85 -20.53
N ILE A 31 -3.19 8.49 -21.29
CA ILE A 31 -3.09 8.11 -22.68
C ILE A 31 -1.72 7.39 -22.91
N PHE A 32 -1.85 6.25 -23.56
CA PHE A 32 -0.76 5.43 -23.96
C PHE A 32 -0.50 5.86 -25.44
N ILE A 33 0.76 5.94 -25.85
CA ILE A 33 1.01 6.22 -27.24
C ILE A 33 2.07 5.23 -27.87
N HIS A 34 1.63 4.33 -28.74
CA HIS A 34 2.55 3.44 -29.42
C HIS A 34 2.82 4.01 -30.79
N TRP A 35 4.00 4.59 -30.94
CA TRP A 35 4.42 5.28 -32.16
C TRP A 35 5.88 4.91 -32.43
N GLY A 36 6.16 4.51 -33.65
CA GLY A 36 7.50 4.13 -33.98
C GLY A 36 7.64 3.85 -35.48
N ILE A 37 8.72 3.19 -35.90
CA ILE A 37 8.88 3.00 -37.31
C ILE A 37 7.86 2.03 -37.89
N TYR A 38 7.16 1.30 -37.01
CA TYR A 38 6.11 0.36 -37.42
C TYR A 38 4.87 1.14 -37.79
N SER A 39 4.79 2.40 -37.35
CA SER A 39 3.66 3.26 -37.72
C SER A 39 3.66 3.58 -39.23
N VAL A 40 4.82 3.48 -39.88
CA VAL A 40 4.92 3.75 -41.32
C VAL A 40 4.18 2.67 -42.10
N PRO A 41 4.57 1.37 -41.97
CA PRO A 41 3.73 0.44 -42.77
C PRO A 41 2.32 0.45 -42.19
N GLY A 42 2.22 0.70 -40.89
CA GLY A 42 0.94 0.76 -40.20
C GLY A 42 -0.08 -0.25 -40.70
N TRP A 43 0.26 -1.52 -40.57
CA TRP A 43 -0.60 -2.56 -41.09
C TRP A 43 -0.65 -3.86 -40.28
N ALA A 44 -1.85 -4.40 -40.09
CA ALA A 44 -2.06 -5.68 -39.39
C ALA A 44 -3.45 -6.32 -39.70
N THR A 45 -3.53 -7.62 -39.50
CA THR A 45 -4.76 -8.36 -39.67
C THR A 45 -5.44 -8.17 -38.33
N PRO A 46 -6.53 -7.38 -38.30
CA PRO A 46 -7.29 -7.08 -37.05
C PRO A 46 -8.17 -8.30 -36.66
N THR A 47 -7.50 -9.38 -36.31
CA THR A 47 -8.06 -10.66 -35.93
C THR A 47 -8.94 -10.73 -34.69
N GLY A 48 -8.67 -9.92 -33.68
CA GLY A 48 -9.49 -10.00 -32.50
C GLY A 48 -8.75 -9.48 -31.28
N GLU A 49 -9.44 -9.47 -30.16
CA GLU A 49 -8.90 -9.00 -28.90
C GLU A 49 -7.94 -10.00 -28.22
N LEU A 50 -6.92 -9.48 -27.56
CA LEU A 50 -6.01 -10.34 -26.84
C LEU A 50 -6.81 -11.04 -25.74
N GLY A 51 -6.69 -12.35 -25.65
CA GLY A 51 -7.40 -13.11 -24.65
C GLY A 51 -8.47 -13.90 -25.37
N LYS A 52 -8.85 -13.50 -26.58
CA LYS A 52 -9.91 -14.23 -27.25
C LYS A 52 -9.45 -14.87 -28.53
N VAL A 53 -8.23 -14.62 -28.91
CA VAL A 53 -7.70 -15.23 -30.11
C VAL A 53 -6.78 -16.40 -29.67
N PRO A 54 -7.05 -17.61 -30.14
CA PRO A 54 -6.19 -18.76 -29.76
C PRO A 54 -4.67 -18.49 -30.03
N MET A 55 -3.83 -18.74 -29.01
CA MET A 55 -2.41 -18.46 -29.13
C MET A 55 -1.59 -19.30 -30.12
N ASP A 56 -2.29 -20.20 -30.79
CA ASP A 56 -1.71 -21.11 -31.77
C ASP A 56 -1.76 -20.36 -33.15
N ALA A 57 -2.52 -19.27 -33.20
CA ALA A 57 -2.66 -18.49 -34.41
C ALA A 57 -2.18 -17.04 -34.23
N TRP A 58 -2.26 -16.57 -32.99
CA TRP A 58 -1.90 -15.20 -32.64
C TRP A 58 -0.73 -14.57 -33.35
N PHE A 59 0.47 -15.11 -33.19
CA PHE A 59 1.63 -14.52 -33.86
C PHE A 59 1.63 -14.64 -35.36
N PHE A 60 0.85 -15.58 -35.92
CA PHE A 60 0.73 -15.71 -37.40
C PHE A 60 -0.27 -14.74 -38.04
N GLN A 61 -1.26 -14.25 -37.27
CA GLN A 61 -2.32 -13.30 -37.71
C GLN A 61 -2.37 -12.20 -36.63
N ASN A 62 -1.23 -11.66 -36.28
CA ASN A 62 -1.14 -10.68 -35.18
C ASN A 62 -1.85 -9.35 -35.40
N PRO A 63 -2.85 -9.07 -34.56
CA PRO A 63 -3.58 -7.80 -34.70
C PRO A 63 -2.76 -6.61 -34.10
N TYR A 64 -1.61 -6.85 -33.49
CA TYR A 64 -0.88 -5.71 -32.97
C TYR A 64 0.06 -5.25 -34.06
N ALA A 65 -0.29 -4.15 -34.71
CA ALA A 65 0.56 -3.63 -35.79
C ALA A 65 1.99 -3.26 -35.36
N GLU A 66 2.25 -2.99 -34.10
CA GLU A 66 3.61 -2.69 -33.76
C GLU A 66 4.45 -3.99 -33.75
N TRP A 67 3.84 -5.15 -34.02
CA TRP A 67 4.61 -6.40 -34.06
C TRP A 67 5.04 -6.74 -35.48
N TYR A 68 4.85 -5.76 -36.36
CA TYR A 68 5.17 -5.87 -37.78
C TYR A 68 6.48 -6.57 -38.05
N GLU A 69 7.60 -6.10 -37.48
CA GLU A 69 8.89 -6.79 -37.73
C GLU A 69 8.82 -8.33 -37.39
N ASN A 70 8.24 -8.66 -36.24
CA ASN A 70 8.10 -10.04 -35.91
C ASN A 70 7.29 -10.80 -36.96
N SER A 71 6.13 -10.26 -37.37
CA SER A 71 5.27 -10.90 -38.38
C SER A 71 6.01 -11.01 -39.75
N LEU A 72 6.78 -9.96 -40.09
CA LEU A 72 7.57 -9.89 -41.29
C LEU A 72 8.57 -11.05 -41.35
N ARG A 73 9.18 -11.41 -40.21
CA ARG A 73 10.14 -12.52 -40.15
C ARG A 73 9.48 -13.92 -40.31
N ILE A 74 8.18 -14.01 -40.13
CA ILE A 74 7.49 -15.28 -40.36
C ILE A 74 7.03 -15.24 -41.81
N LYS A 75 7.77 -15.86 -42.72
CA LYS A 75 7.42 -15.88 -44.15
C LYS A 75 6.06 -16.51 -44.35
N GLU A 76 5.35 -16.11 -45.38
CA GLU A 76 4.02 -16.70 -45.56
C GLU A 76 3.27 -16.35 -44.26
N SER A 77 3.07 -15.05 -44.07
CA SER A 77 2.33 -14.52 -42.96
C SER A 77 1.67 -13.38 -43.75
N PRO A 78 0.43 -13.03 -43.39
CA PRO A 78 -0.25 -11.95 -44.09
C PRO A 78 0.65 -10.73 -44.18
N THR A 79 1.35 -10.38 -43.08
CA THR A 79 2.26 -9.23 -43.08
C THR A 79 3.36 -9.41 -44.11
N TRP A 80 3.89 -10.61 -44.17
CA TRP A 80 4.94 -10.92 -45.12
C TRP A 80 4.42 -10.69 -46.54
N GLU A 81 3.29 -11.32 -46.90
CA GLU A 81 2.78 -11.16 -48.25
C GLU A 81 2.58 -9.65 -48.55
N TYR A 82 1.94 -8.94 -47.63
CA TYR A 82 1.67 -7.51 -47.76
C TYR A 82 2.92 -6.63 -47.97
N HIS A 83 3.98 -6.89 -47.20
CA HIS A 83 5.24 -6.17 -47.27
C HIS A 83 5.93 -6.35 -48.64
N VAL A 84 5.95 -7.59 -49.12
CA VAL A 84 6.59 -7.89 -50.40
C VAL A 84 5.86 -7.24 -51.57
N LYS A 85 4.53 -7.22 -51.56
CA LYS A 85 3.82 -6.57 -52.65
C LYS A 85 3.90 -4.99 -52.56
N THR A 86 4.04 -4.48 -51.33
CA THR A 86 4.05 -3.03 -51.09
C THR A 86 5.42 -2.38 -51.09
N TYR A 87 6.38 -3.06 -50.46
CA TYR A 87 7.71 -2.54 -50.31
C TYR A 87 8.80 -3.38 -50.97
N GLY A 88 8.54 -4.67 -51.18
CA GLY A 88 9.51 -5.56 -51.78
C GLY A 88 10.36 -6.44 -50.88
N GLU A 89 10.76 -7.60 -51.40
CA GLU A 89 11.58 -8.53 -50.63
C GLU A 89 12.87 -7.92 -50.05
N ASN A 90 13.50 -7.05 -50.84
CA ASN A 90 14.75 -6.40 -50.47
C ASN A 90 14.61 -5.16 -49.61
N PHE A 91 13.43 -4.94 -49.04
CA PHE A 91 13.25 -3.79 -48.18
C PHE A 91 13.20 -4.27 -46.71
N GLU A 92 14.32 -4.05 -46.02
CA GLU A 92 14.47 -4.45 -44.62
C GLU A 92 13.66 -3.57 -43.69
N TYR A 93 13.22 -4.19 -42.62
CA TYR A 93 12.40 -3.49 -41.63
C TYR A 93 13.08 -2.19 -41.19
N GLU A 94 14.37 -2.28 -40.91
CA GLU A 94 15.14 -1.13 -40.44
C GLU A 94 15.04 0.05 -41.36
N LYS A 95 14.77 -0.23 -42.64
CA LYS A 95 14.66 0.84 -43.61
C LYS A 95 13.51 1.82 -43.27
N PHE A 96 12.54 1.35 -42.48
CA PHE A 96 11.46 2.24 -42.08
C PHE A 96 11.91 3.47 -41.22
N ALA A 97 13.05 3.36 -40.52
CA ALA A 97 13.56 4.51 -39.77
C ALA A 97 13.83 5.70 -40.73
N ASP A 98 14.14 5.40 -41.97
CA ASP A 98 14.37 6.48 -42.93
C ASP A 98 13.05 7.02 -43.46
N LEU A 99 11.96 6.27 -43.33
CA LEU A 99 10.71 6.83 -43.80
C LEU A 99 9.96 7.47 -42.67
N PHE A 100 10.39 7.16 -41.46
CA PHE A 100 9.72 7.70 -40.29
C PHE A 100 10.14 9.14 -40.12
N THR A 101 9.43 10.04 -40.77
CA THR A 101 9.87 11.41 -40.74
C THR A 101 9.16 12.35 -39.84
N ALA A 102 7.96 12.00 -39.41
CA ALA A 102 7.14 12.84 -38.54
C ALA A 102 6.98 14.28 -39.07
N GLU A 103 7.01 14.45 -40.39
CA GLU A 103 6.90 15.76 -41.04
C GLU A 103 5.77 16.68 -40.56
N LYS A 104 4.61 16.12 -40.19
CA LYS A 104 3.46 16.92 -39.71
C LYS A 104 3.26 16.79 -38.19
N TRP A 105 4.32 16.58 -37.41
CA TRP A 105 4.11 16.40 -35.97
C TRP A 105 4.11 17.68 -35.19
N ASP A 106 3.14 17.80 -34.30
CA ASP A 106 3.07 18.97 -33.44
C ASP A 106 2.73 18.52 -32.01
N PRO A 107 3.76 18.32 -31.20
CA PRO A 107 3.48 17.87 -29.84
C PRO A 107 2.50 18.69 -29.04
N GLN A 108 2.55 20.03 -29.13
CA GLN A 108 1.56 20.77 -28.33
C GLN A 108 0.15 20.45 -28.79
N GLU A 109 -0.04 20.23 -30.09
CA GLU A 109 -1.36 19.80 -30.54
C GLU A 109 -1.72 18.46 -29.87
N TRP A 110 -0.78 17.51 -29.78
CA TRP A 110 -1.08 16.24 -29.11
C TRP A 110 -1.47 16.46 -27.64
N ALA A 111 -0.62 17.19 -26.91
CA ALA A 111 -0.88 17.41 -25.50
C ALA A 111 -2.25 18.09 -25.31
N ASP A 112 -2.55 18.99 -26.21
CA ASP A 112 -3.80 19.64 -26.10
C ASP A 112 -4.94 18.68 -26.29
N LEU A 113 -4.85 17.83 -27.29
CA LEU A 113 -5.91 16.88 -27.53
C LEU A 113 -6.04 15.96 -26.32
N PHE A 114 -4.91 15.56 -25.69
CA PHE A 114 -5.00 14.64 -24.55
C PHE A 114 -5.63 15.30 -23.33
N LYS A 115 -5.41 16.62 -23.20
CA LYS A 115 -6.00 17.36 -22.09
C LYS A 115 -7.51 17.50 -22.41
N LYS A 116 -7.86 17.79 -23.65
CA LYS A 116 -9.26 17.94 -23.92
C LYS A 116 -9.91 16.59 -23.74
N ALA A 117 -9.21 15.53 -24.10
CA ALA A 117 -9.83 14.21 -23.91
C ALA A 117 -10.07 13.81 -22.44
N GLY A 118 -9.61 14.59 -21.46
CA GLY A 118 -9.80 14.20 -20.06
C GLY A 118 -8.64 13.41 -19.43
N ALA A 119 -7.53 13.20 -20.15
CA ALA A 119 -6.42 12.43 -19.63
C ALA A 119 -5.59 13.26 -18.69
N LYS A 120 -5.05 12.61 -17.67
CA LYS A 120 -4.27 13.34 -16.69
C LYS A 120 -2.77 13.00 -16.78
N TYR A 121 -2.45 12.03 -17.64
CA TYR A 121 -1.07 11.61 -17.85
C TYR A 121 -0.92 10.91 -19.20
N VAL A 122 0.32 10.88 -19.67
CA VAL A 122 0.73 10.34 -20.93
C VAL A 122 1.98 9.49 -20.86
N ILE A 123 1.93 8.39 -21.59
CA ILE A 123 3.03 7.45 -21.64
C ILE A 123 3.29 6.94 -23.06
N PRO A 124 4.35 7.45 -23.66
CA PRO A 124 4.77 7.08 -25.01
C PRO A 124 5.80 5.94 -24.97
N THR A 125 5.83 5.20 -26.04
CA THR A 125 6.77 4.13 -26.23
C THR A 125 8.11 4.77 -26.49
N THR A 126 9.09 4.61 -25.60
CA THR A 126 10.40 5.23 -25.86
C THR A 126 11.27 4.30 -26.72
N LYS A 127 10.93 3.00 -26.63
CA LYS A 127 11.58 1.92 -27.35
C LYS A 127 10.62 0.74 -27.25
N HIS A 128 10.20 0.23 -28.37
CA HIS A 128 9.35 -0.92 -28.36
C HIS A 128 10.18 -2.21 -28.72
N HIS A 129 9.51 -3.34 -28.84
CA HIS A 129 10.23 -4.56 -29.14
C HIS A 129 11.24 -4.50 -30.32
N ASP A 130 10.99 -3.64 -31.31
CA ASP A 130 11.92 -3.55 -32.43
C ASP A 130 13.27 -2.83 -32.05
N GLY A 131 13.38 -2.29 -30.83
CA GLY A 131 14.58 -1.65 -30.40
C GLY A 131 14.91 -0.25 -30.89
N PHE A 132 14.05 0.37 -31.71
CA PHE A 132 14.28 1.74 -32.20
C PHE A 132 13.87 2.72 -31.07
N CYS A 133 14.78 3.66 -30.74
CA CYS A 133 14.56 4.59 -29.63
C CYS A 133 14.16 5.98 -30.08
N LEU A 134 13.10 6.48 -29.45
CA LEU A 134 12.56 7.76 -29.78
C LEU A 134 13.20 8.94 -29.06
N TRP A 135 14.46 8.80 -28.63
CA TRP A 135 15.20 9.91 -27.95
C TRP A 135 16.66 9.69 -28.32
N GLY A 136 17.48 10.72 -28.21
CA GLY A 136 18.87 10.61 -28.56
C GLY A 136 19.67 9.82 -27.51
N THR A 137 19.45 8.53 -27.40
CA THR A 137 20.18 7.76 -26.44
C THR A 137 21.67 7.73 -26.86
N LYS A 138 22.57 7.51 -25.93
CA LYS A 138 23.93 7.44 -26.36
C LYS A 138 24.32 5.99 -26.55
N TYR A 139 23.38 5.08 -26.28
CA TYR A 139 23.75 3.67 -26.39
C TYR A 139 23.42 2.87 -27.64
N THR A 140 22.89 3.54 -28.65
CA THR A 140 22.58 2.93 -29.95
C THR A 140 22.31 4.09 -30.92
N ASP A 141 22.72 3.92 -32.17
CA ASP A 141 22.47 4.84 -33.32
C ASP A 141 21.08 4.60 -33.96
N PHE A 142 20.41 3.52 -33.56
CA PHE A 142 19.12 3.23 -34.08
C PHE A 142 18.11 3.99 -33.21
N ASN A 143 18.06 5.30 -33.38
CA ASN A 143 17.21 6.18 -32.57
C ASN A 143 16.72 7.36 -33.44
N SER A 144 15.71 8.08 -32.94
CA SER A 144 15.14 9.12 -33.77
C SER A 144 15.91 10.45 -34.00
N VAL A 145 17.00 10.67 -33.31
CA VAL A 145 17.78 11.89 -33.49
C VAL A 145 18.76 11.69 -34.67
N LYS A 146 19.24 10.46 -34.84
CA LYS A 146 20.16 10.10 -35.88
C LYS A 146 19.51 9.66 -37.19
N ARG A 147 18.31 9.09 -37.11
CA ARG A 147 17.57 8.57 -38.27
C ARG A 147 16.22 9.23 -38.35
N GLY A 148 15.39 8.79 -39.27
CA GLY A 148 14.05 9.32 -39.40
C GLY A 148 13.82 10.79 -39.15
N PRO A 149 13.08 11.14 -38.09
CA PRO A 149 12.72 12.52 -37.70
C PRO A 149 13.89 13.42 -37.30
N LYS A 150 15.00 12.81 -36.93
CA LYS A 150 16.17 13.59 -36.50
C LYS A 150 15.66 14.58 -35.47
N ARG A 151 14.92 14.10 -34.50
CA ARG A 151 14.39 14.93 -33.47
C ARG A 151 14.20 14.05 -32.21
N ASP A 152 14.36 14.62 -31.01
CA ASP A 152 14.12 13.86 -29.77
C ASP A 152 12.63 13.93 -29.51
N LEU A 153 11.94 12.90 -29.99
CA LEU A 153 10.49 12.81 -29.82
C LEU A 153 10.11 12.72 -28.33
N VAL A 154 10.81 11.87 -27.57
CA VAL A 154 10.47 11.73 -26.18
C VAL A 154 10.63 13.09 -25.48
N GLY A 155 11.77 13.74 -25.72
CA GLY A 155 11.97 15.04 -25.09
C GLY A 155 10.91 16.11 -25.41
N ASP A 156 10.61 16.23 -26.69
CA ASP A 156 9.68 17.25 -27.14
C ASP A 156 8.29 16.96 -26.65
N LEU A 157 8.00 15.69 -26.52
CA LEU A 157 6.68 15.37 -26.08
C LEU A 157 6.58 15.58 -24.59
N ALA A 158 7.65 15.25 -23.88
CA ALA A 158 7.67 15.43 -22.44
C ALA A 158 7.42 16.96 -22.11
N LYS A 159 8.11 17.83 -22.85
CA LYS A 159 7.93 19.24 -22.60
C LYS A 159 6.44 19.65 -22.84
N ALA A 160 5.90 19.26 -24.01
CA ALA A 160 4.53 19.60 -24.33
C ALA A 160 3.47 19.06 -23.34
N VAL A 161 3.59 17.81 -22.93
CA VAL A 161 2.66 17.24 -21.97
C VAL A 161 2.73 18.03 -20.65
N ARG A 162 3.92 18.23 -20.15
CA ARG A 162 4.12 18.99 -18.93
C ARG A 162 3.51 20.41 -19.08
N GLU A 163 3.80 21.09 -20.19
CA GLU A 163 3.26 22.40 -20.43
C GLU A 163 1.76 22.37 -20.31
N ALA A 164 1.12 21.34 -20.86
CA ALA A 164 -0.32 21.20 -20.79
C ALA A 164 -0.77 20.83 -19.34
N GLY A 165 0.17 20.69 -18.41
CA GLY A 165 -0.17 20.40 -17.05
C GLY A 165 -0.38 18.95 -16.80
N LEU A 166 0.08 18.09 -17.71
CA LEU A 166 -0.13 16.65 -17.53
C LEU A 166 1.09 15.89 -17.05
N ARG A 167 0.86 14.81 -16.29
CA ARG A 167 1.92 13.93 -15.80
C ARG A 167 2.44 13.16 -17.03
N PHE A 168 3.75 12.91 -17.04
CA PHE A 168 4.44 12.20 -18.12
C PHE A 168 5.24 10.94 -17.68
N GLY A 169 4.98 9.81 -18.32
CA GLY A 169 5.71 8.61 -17.93
C GLY A 169 6.33 8.03 -19.18
N VAL A 170 7.13 6.99 -19.00
CA VAL A 170 7.76 6.37 -20.17
C VAL A 170 7.55 4.91 -20.29
N TYR A 171 7.36 4.44 -21.50
CA TYR A 171 7.19 3.02 -21.73
C TYR A 171 8.56 2.47 -22.24
N TYR A 172 9.02 1.35 -21.72
CA TYR A 172 10.26 0.80 -22.24
C TYR A 172 10.14 -0.73 -22.40
N SER A 173 10.64 -1.24 -23.52
CA SER A 173 10.54 -2.66 -23.75
C SER A 173 11.78 -3.38 -23.15
N GLY A 174 11.76 -3.68 -21.88
CA GLY A 174 12.93 -4.32 -21.28
C GLY A 174 13.06 -5.73 -21.69
N GLY A 175 11.89 -6.40 -21.80
CA GLY A 175 11.81 -7.80 -22.14
C GLY A 175 12.19 -8.25 -23.58
N LEU A 176 11.87 -7.45 -24.57
CA LEU A 176 12.18 -7.84 -25.96
C LEU A 176 12.89 -6.71 -26.68
N ASP A 177 13.78 -7.07 -27.57
CA ASP A 177 14.51 -6.13 -28.41
C ASP A 177 14.95 -6.96 -29.61
N TRP A 178 14.19 -6.85 -30.71
CA TRP A 178 14.50 -7.63 -31.92
C TRP A 178 15.86 -7.26 -32.64
N ARG A 179 16.56 -6.25 -32.09
CA ARG A 179 17.88 -5.87 -32.58
C ARG A 179 18.88 -6.90 -32.02
N PHE A 180 18.45 -7.69 -31.02
CA PHE A 180 19.36 -8.69 -30.48
C PHE A 180 19.00 -10.15 -30.87
N THR A 181 18.00 -10.37 -31.73
CA THR A 181 17.61 -11.74 -32.09
C THR A 181 17.43 -11.78 -33.59
N THR A 182 17.20 -12.96 -34.12
CA THR A 182 17.03 -13.07 -35.56
C THR A 182 15.78 -13.88 -35.85
N GLU A 183 15.41 -14.75 -34.92
CA GLU A 183 14.27 -15.63 -35.12
C GLU A 183 12.94 -15.03 -34.64
N PRO A 184 11.86 -15.19 -35.40
CA PRO A 184 10.64 -14.60 -34.85
C PRO A 184 10.00 -15.45 -33.74
N ILE A 185 9.05 -14.84 -33.05
CA ILE A 185 8.22 -15.50 -32.02
C ILE A 185 7.02 -16.09 -32.81
N ARG A 186 6.82 -17.40 -32.77
CA ARG A 186 5.73 -18.02 -33.50
C ARG A 186 4.63 -18.60 -32.59
N TYR A 187 5.03 -18.98 -31.36
CA TYR A 187 4.15 -19.47 -30.30
C TYR A 187 4.60 -18.88 -28.97
N PRO A 188 3.68 -18.76 -27.99
CA PRO A 188 4.01 -18.20 -26.66
C PRO A 188 5.32 -18.85 -26.12
N GLU A 189 5.43 -20.17 -26.23
CA GLU A 189 6.59 -20.94 -25.76
C GLU A 189 7.96 -20.39 -26.25
N ASP A 190 7.97 -19.86 -27.47
CA ASP A 190 9.19 -19.36 -28.05
C ASP A 190 9.79 -18.24 -27.19
N LEU A 191 8.88 -17.49 -26.50
CA LEU A 191 9.25 -16.38 -25.65
C LEU A 191 10.13 -16.78 -24.50
N SER A 192 10.12 -18.07 -24.18
CA SER A 192 10.91 -18.56 -23.09
C SER A 192 12.39 -18.61 -23.46
N TYR A 193 12.72 -18.63 -24.76
CA TYR A 193 14.13 -18.66 -25.13
C TYR A 193 14.57 -17.67 -26.22
N ILE A 194 13.63 -17.12 -26.98
CA ILE A 194 14.10 -16.17 -27.95
C ILE A 194 14.01 -14.72 -27.32
N ARG A 195 15.11 -14.33 -26.65
CA ARG A 195 15.30 -13.09 -25.93
C ARG A 195 16.76 -12.74 -26.11
N PRO A 196 17.18 -11.49 -25.77
CA PRO A 196 18.59 -11.09 -25.93
C PRO A 196 19.53 -12.05 -25.19
N ASN A 197 19.18 -12.35 -23.94
CA ASN A 197 19.94 -13.30 -23.17
C ASN A 197 21.32 -12.91 -22.65
N THR A 198 21.96 -11.91 -23.25
CA THR A 198 23.30 -11.56 -22.84
C THR A 198 23.45 -10.63 -21.67
N TYR A 199 24.68 -10.52 -21.18
CA TYR A 199 25.02 -9.60 -20.07
C TYR A 199 24.96 -8.22 -20.69
N GLU A 200 25.55 -8.10 -21.87
CA GLU A 200 25.50 -6.87 -22.64
C GLU A 200 24.03 -6.28 -22.70
N TYR A 201 23.05 -7.08 -23.12
CA TYR A 201 21.69 -6.53 -23.17
C TYR A 201 21.15 -6.13 -21.77
N ALA A 202 21.46 -6.90 -20.73
CA ALA A 202 20.97 -6.50 -19.43
C ALA A 202 21.58 -5.11 -19.02
N ASP A 203 22.84 -4.85 -19.39
CA ASP A 203 23.49 -3.57 -19.08
C ASP A 203 22.82 -2.47 -19.92
N TYR A 204 22.56 -2.81 -21.18
CA TYR A 204 21.96 -1.91 -22.13
C TYR A 204 20.64 -1.38 -21.63
N ALA A 205 19.73 -2.30 -21.23
CA ALA A 205 18.39 -1.92 -20.75
C ALA A 205 18.53 -1.10 -19.46
N TYR A 206 19.40 -1.52 -18.53
CA TYR A 206 19.60 -0.74 -17.30
C TYR A 206 20.10 0.68 -17.69
N LYS A 207 21.08 0.72 -18.58
CA LYS A 207 21.57 2.01 -18.93
C LYS A 207 20.55 2.88 -19.62
N GLN A 208 19.69 2.26 -20.42
CA GLN A 208 18.79 3.09 -21.13
C GLN A 208 17.74 3.63 -20.23
N VAL A 209 17.33 2.83 -19.25
CA VAL A 209 16.31 3.33 -18.37
C VAL A 209 16.90 4.37 -17.43
N MET A 210 18.16 4.21 -17.04
CA MET A 210 18.80 5.16 -16.19
C MET A 210 18.85 6.48 -16.95
N GLU A 211 19.15 6.41 -18.25
CA GLU A 211 19.23 7.58 -19.09
C GLU A 211 17.84 8.26 -19.10
N LEU A 212 16.77 7.49 -19.33
CA LEU A 212 15.43 8.13 -19.34
C LEU A 212 15.14 8.82 -18.01
N VAL A 213 15.54 8.20 -16.92
CA VAL A 213 15.34 8.78 -15.61
C VAL A 213 16.18 10.06 -15.50
N ASP A 214 17.43 10.00 -15.97
CA ASP A 214 18.24 11.18 -15.87
C ASP A 214 17.78 12.34 -16.76
N LEU A 215 17.39 12.03 -17.98
CA LEU A 215 17.01 13.07 -18.90
C LEU A 215 15.64 13.58 -18.69
N TYR A 216 14.72 12.71 -18.24
CA TYR A 216 13.34 13.17 -18.13
C TYR A 216 12.54 12.97 -16.86
N LEU A 217 13.17 12.34 -15.86
CA LEU A 217 12.53 12.03 -14.59
C LEU A 217 11.04 11.72 -14.76
N PRO A 218 10.69 10.65 -15.49
CA PRO A 218 9.28 10.30 -15.70
C PRO A 218 8.47 10.02 -14.43
N ASP A 219 7.18 10.28 -14.51
CA ASP A 219 6.24 10.05 -13.40
C ASP A 219 5.87 8.60 -13.28
N VAL A 220 6.15 7.84 -14.34
CA VAL A 220 5.86 6.43 -14.37
C VAL A 220 6.90 5.72 -15.23
N LEU A 221 7.40 4.60 -14.73
CA LEU A 221 8.31 3.77 -15.43
C LEU A 221 7.43 2.58 -15.79
N TRP A 222 7.09 2.46 -17.07
CA TRP A 222 6.15 1.39 -17.49
C TRP A 222 6.93 0.39 -18.33
N ASN A 223 7.46 -0.65 -17.71
CA ASN A 223 8.19 -1.66 -18.44
C ASN A 223 7.25 -2.71 -19.10
N ASP A 224 7.70 -3.31 -20.18
CA ASP A 224 6.89 -4.34 -20.78
C ASP A 224 7.75 -5.61 -20.99
N MET A 225 7.09 -6.74 -20.88
CA MET A 225 7.63 -8.03 -21.22
C MET A 225 8.71 -8.58 -20.35
N GLY A 226 8.71 -8.12 -19.11
CA GLY A 226 9.68 -8.61 -18.17
C GLY A 226 11.00 -7.93 -18.34
N TRP A 227 11.88 -8.15 -17.39
CA TRP A 227 13.21 -7.56 -17.40
C TRP A 227 14.19 -8.73 -17.53
N PRO A 228 15.28 -8.56 -18.30
CA PRO A 228 16.32 -9.60 -18.48
C PRO A 228 16.65 -10.22 -17.11
N GLU A 229 16.63 -11.54 -17.04
CA GLU A 229 16.93 -12.26 -15.80
C GLU A 229 18.32 -11.79 -15.23
N LYS A 230 19.31 -11.68 -16.12
CA LYS A 230 20.61 -11.24 -15.69
C LYS A 230 20.63 -9.86 -15.12
N GLY A 231 19.58 -9.07 -15.40
CA GLY A 231 19.56 -7.72 -14.90
C GLY A 231 18.58 -7.53 -13.79
N LYS A 232 17.89 -8.57 -13.34
CA LYS A 232 16.92 -8.34 -12.28
C LYS A 232 17.40 -7.72 -10.97
N GLU A 233 18.58 -8.10 -10.50
CA GLU A 233 19.10 -7.50 -9.28
C GLU A 233 19.35 -6.00 -9.46
N ASP A 234 19.66 -5.59 -10.68
CA ASP A 234 19.89 -4.20 -10.93
C ASP A 234 18.68 -3.35 -10.54
N LEU A 235 17.48 -3.88 -10.71
CA LEU A 235 16.27 -3.13 -10.39
C LEU A 235 16.22 -2.54 -8.96
N LYS A 236 16.85 -3.19 -7.99
CA LYS A 236 16.82 -2.65 -6.64
C LYS A 236 17.52 -1.31 -6.70
N TYR A 237 18.65 -1.31 -7.38
CA TYR A 237 19.46 -0.12 -7.49
C TYR A 237 18.76 0.93 -8.32
N LEU A 238 18.11 0.50 -9.41
CA LEU A 238 17.46 1.46 -10.31
C LEU A 238 16.22 2.09 -9.64
N PHE A 239 15.40 1.25 -8.98
CA PHE A 239 14.24 1.77 -8.32
C PHE A 239 14.68 2.71 -7.14
N ALA A 240 15.71 2.34 -6.37
CA ALA A 240 16.07 3.22 -5.25
C ALA A 240 16.52 4.59 -5.82
N TYR A 241 17.29 4.53 -6.89
CA TYR A 241 17.79 5.72 -7.54
C TYR A 241 16.61 6.63 -7.94
N TYR A 242 15.69 6.02 -8.67
CA TYR A 242 14.53 6.67 -9.21
C TYR A 242 13.66 7.38 -8.12
N TYR A 243 13.29 6.62 -7.08
CA TYR A 243 12.45 7.10 -6.00
C TYR A 243 13.18 8.09 -5.21
N ASN A 244 14.51 7.93 -5.14
CA ASN A 244 15.24 8.90 -4.38
C ASN A 244 15.26 10.22 -5.14
N LYS A 245 15.11 10.20 -6.46
CA LYS A 245 15.08 11.45 -7.21
C LYS A 245 13.67 11.92 -7.36
N HIS A 246 12.71 10.99 -7.31
CA HIS A 246 11.33 11.31 -7.55
C HIS A 246 10.40 10.43 -6.71
N PRO A 247 10.27 10.76 -5.45
CA PRO A 247 9.41 9.92 -4.61
C PRO A 247 8.00 9.70 -5.13
N GLU A 248 7.44 10.73 -5.77
CA GLU A 248 6.09 10.60 -6.30
C GLU A 248 6.08 9.85 -7.65
N GLY A 249 7.27 9.37 -8.08
CA GLY A 249 7.30 8.57 -9.29
C GLY A 249 6.63 7.19 -8.98
N SER A 250 6.35 6.39 -10.00
CA SER A 250 5.70 5.08 -9.82
C SER A 250 6.25 4.09 -10.85
N VAL A 251 5.98 2.81 -10.61
CA VAL A 251 6.53 1.75 -11.43
C VAL A 251 5.45 0.70 -11.65
N ASN A 252 5.39 0.06 -12.83
CA ASN A 252 4.35 -0.93 -13.04
C ASN A 252 4.78 -2.37 -12.62
N ASP A 253 4.03 -3.39 -13.05
CA ASP A 253 4.29 -4.71 -12.56
C ASP A 253 4.84 -5.67 -13.61
N ARG A 254 5.41 -5.15 -14.67
CA ARG A 254 5.88 -6.07 -15.68
C ARG A 254 7.39 -6.29 -15.70
N TRP A 255 8.03 -6.27 -14.53
CA TRP A 255 9.47 -6.43 -14.40
C TRP A 255 9.95 -7.82 -13.97
N GLY A 256 9.06 -8.63 -13.40
CA GLY A 256 9.41 -9.95 -12.93
C GLY A 256 10.21 -9.88 -11.64
N VAL A 257 9.99 -8.88 -10.80
CA VAL A 257 10.70 -8.80 -9.53
C VAL A 257 9.67 -8.50 -8.42
N PRO A 258 10.08 -8.65 -7.13
CA PRO A 258 9.20 -8.41 -5.98
C PRO A 258 8.52 -7.06 -5.93
N HIS A 259 9.11 -6.01 -6.42
CA HIS A 259 8.45 -4.74 -6.27
C HIS A 259 7.68 -4.22 -7.45
N TRP A 260 6.62 -3.46 -7.14
CA TRP A 260 5.78 -2.76 -8.13
C TRP A 260 4.81 -1.82 -7.42
N ASP A 261 4.29 -0.79 -8.09
CA ASP A 261 3.37 0.11 -7.44
C ASP A 261 1.96 -0.15 -7.89
N PHE A 262 1.79 -0.64 -9.10
CA PHE A 262 0.42 -0.91 -9.59
C PHE A 262 0.50 -2.05 -10.59
N LYS A 263 -0.56 -2.83 -10.66
CA LYS A 263 -0.61 -3.95 -11.58
C LYS A 263 -1.30 -3.60 -12.88
N THR A 264 -1.22 -4.49 -13.85
CA THR A 264 -1.76 -4.17 -15.17
C THR A 264 -2.60 -5.28 -15.81
N ALA A 265 -3.55 -4.92 -16.67
CA ALA A 265 -4.39 -5.89 -17.33
C ALA A 265 -4.41 -5.35 -18.76
N GLU A 266 -4.45 -6.26 -19.73
CA GLU A 266 -4.41 -5.92 -21.16
C GLU A 266 -5.55 -6.71 -21.91
N TYR A 267 -6.45 -5.98 -22.57
CA TYR A 267 -7.65 -6.56 -23.19
C TYR A 267 -8.22 -7.58 -22.17
N HIS A 268 -8.51 -8.82 -22.54
CA HIS A 268 -9.04 -9.76 -21.56
C HIS A 268 -8.10 -10.28 -20.52
N VAL A 269 -6.80 -10.15 -20.80
CA VAL A 269 -5.74 -10.63 -19.94
C VAL A 269 -5.63 -9.93 -18.61
N ASN A 270 -5.89 -10.70 -17.54
CA ASN A 270 -5.84 -10.23 -16.14
C ASN A 270 -6.91 -9.22 -15.67
N TYR A 271 -8.04 -9.21 -16.34
CA TYR A 271 -9.10 -8.27 -15.99
C TYR A 271 -9.90 -8.68 -14.75
N PRO A 272 -9.88 -7.85 -13.72
CA PRO A 272 -10.65 -8.22 -12.51
C PRO A 272 -12.18 -8.19 -12.70
N GLY A 273 -12.86 -9.18 -12.14
CA GLY A 273 -14.32 -9.24 -12.23
C GLY A 273 -14.83 -8.46 -11.06
N ASP A 274 -13.93 -8.13 -10.15
CA ASP A 274 -14.32 -7.36 -8.99
C ASP A 274 -13.20 -6.56 -8.31
N LEU A 275 -13.49 -5.95 -7.19
CA LEU A 275 -12.47 -5.20 -6.50
C LEU A 275 -11.29 -6.14 -6.16
N PRO A 276 -10.07 -5.82 -6.64
CA PRO A 276 -8.78 -6.54 -6.48
C PRO A 276 -8.05 -6.43 -5.15
N GLY A 277 -8.14 -5.27 -4.51
CA GLY A 277 -7.42 -5.13 -3.25
C GLY A 277 -6.09 -4.42 -3.41
N TYR A 278 -5.79 -3.96 -4.64
CA TYR A 278 -4.55 -3.24 -4.93
C TYR A 278 -4.76 -2.38 -6.15
N LYS A 279 -3.90 -1.40 -6.34
CA LYS A 279 -3.96 -0.53 -7.49
C LYS A 279 -3.51 -1.25 -8.80
N TRP A 280 -4.25 -0.96 -9.86
CA TRP A 280 -4.02 -1.55 -11.16
C TRP A 280 -4.55 -0.56 -12.22
N GLU A 281 -4.26 -0.92 -13.46
CA GLU A 281 -4.57 -0.09 -14.60
C GLU A 281 -4.89 -1.02 -15.79
N PHE A 282 -5.95 -0.68 -16.51
CA PHE A 282 -6.34 -1.45 -17.66
C PHE A 282 -5.78 -0.76 -18.92
N THR A 283 -5.26 -1.55 -19.84
CA THR A 283 -4.75 -0.92 -21.06
C THR A 283 -5.28 -1.65 -22.30
N ARG A 284 -5.50 -0.88 -23.36
CA ARG A 284 -5.98 -1.40 -24.66
C ARG A 284 -5.95 -0.32 -25.71
N GLY A 285 -5.99 -0.75 -26.96
CA GLY A 285 -6.03 0.23 -28.02
C GLY A 285 -7.48 0.67 -28.20
N ILE A 286 -7.71 1.71 -29.01
CA ILE A 286 -9.10 2.11 -29.25
C ILE A 286 -9.68 1.01 -30.20
N GLY A 287 -8.79 0.40 -30.99
CA GLY A 287 -9.14 -0.67 -31.89
C GLY A 287 -8.46 -1.89 -31.28
N LEU A 288 -8.05 -2.85 -32.12
CA LEU A 288 -7.38 -4.07 -31.71
C LEU A 288 -5.85 -3.99 -31.70
N SER A 289 -5.26 -2.85 -32.06
CA SER A 289 -3.81 -2.72 -32.13
C SER A 289 -3.32 -1.59 -31.18
N PHE A 290 -2.02 -1.51 -30.93
CA PHE A 290 -1.53 -0.34 -30.17
C PHE A 290 -0.91 0.59 -31.23
N GLY A 291 -0.22 -0.01 -32.19
CA GLY A 291 0.36 0.73 -33.28
C GLY A 291 -0.75 1.09 -34.24
N TYR A 292 -0.56 2.19 -34.99
CA TYR A 292 -1.57 2.57 -35.99
C TYR A 292 -1.79 1.38 -36.97
N ASN A 293 -3.05 1.02 -37.20
CA ASN A 293 -3.39 -0.01 -38.19
C ASN A 293 -4.32 0.58 -39.26
N ARG A 294 -3.81 0.77 -40.48
CA ARG A 294 -4.64 1.30 -41.55
C ARG A 294 -5.85 0.37 -41.89
N ASN A 295 -5.72 -0.94 -41.59
CA ASN A 295 -6.76 -1.92 -41.81
C ASN A 295 -7.94 -1.84 -40.86
N GLU A 296 -7.84 -1.05 -39.81
CA GLU A 296 -8.97 -0.99 -38.89
C GLU A 296 -9.95 0.07 -39.27
N GLY A 297 -11.23 -0.28 -39.22
CA GLY A 297 -12.30 0.66 -39.51
C GLY A 297 -13.10 0.84 -38.25
N PRO A 298 -14.19 1.59 -38.32
CA PRO A 298 -14.99 1.79 -37.09
C PRO A 298 -15.50 0.54 -36.40
N GLU A 299 -15.65 -0.51 -37.18
CA GLU A 299 -16.14 -1.80 -36.68
C GLU A 299 -15.14 -2.49 -35.79
N HIS A 300 -13.89 -2.04 -35.81
CA HIS A 300 -12.88 -2.67 -34.94
C HIS A 300 -12.62 -1.84 -33.68
N MET A 301 -13.21 -0.65 -33.63
CA MET A 301 -13.00 0.27 -32.54
C MET A 301 -14.11 0.34 -31.55
N LEU A 302 -13.82 0.89 -30.38
CA LEU A 302 -14.86 1.08 -29.37
C LEU A 302 -15.64 2.35 -29.73
N SER A 303 -16.90 2.39 -29.32
CA SER A 303 -17.67 3.59 -29.59
C SER A 303 -17.48 4.45 -28.32
N VAL A 304 -17.77 5.75 -28.42
CA VAL A 304 -17.66 6.66 -27.27
C VAL A 304 -18.39 6.04 -26.10
N GLU A 305 -19.57 5.51 -26.36
CA GLU A 305 -20.38 4.93 -25.33
C GLU A 305 -19.62 3.76 -24.66
N GLN A 306 -19.09 2.83 -25.47
CA GLN A 306 -18.33 1.72 -24.89
C GLN A 306 -17.08 2.19 -24.10
N LEU A 307 -16.47 3.27 -24.55
CA LEU A 307 -15.34 3.83 -23.87
C LEU A 307 -15.70 4.36 -22.48
N VAL A 308 -16.80 5.06 -22.42
CA VAL A 308 -17.28 5.58 -21.15
C VAL A 308 -17.58 4.39 -20.25
N TYR A 309 -18.28 3.40 -20.78
CA TYR A 309 -18.60 2.24 -20.01
C TYR A 309 -17.36 1.57 -19.51
N THR A 310 -16.37 1.47 -20.37
CA THR A 310 -15.13 0.86 -19.97
C THR A 310 -14.46 1.62 -18.79
N LEU A 311 -14.30 2.93 -18.96
CA LEU A 311 -13.67 3.71 -17.95
C LEU A 311 -14.41 3.62 -16.65
N VAL A 312 -15.72 3.60 -16.70
CA VAL A 312 -16.48 3.52 -15.46
C VAL A 312 -16.29 2.21 -14.76
N ASP A 313 -16.34 1.10 -15.53
CA ASP A 313 -16.19 -0.23 -14.95
C ASP A 313 -14.87 -0.37 -14.24
N VAL A 314 -13.81 0.08 -14.91
CA VAL A 314 -12.43 0.04 -14.42
C VAL A 314 -12.22 0.87 -13.14
N VAL A 315 -12.72 2.09 -13.20
CA VAL A 315 -12.58 3.06 -12.14
C VAL A 315 -13.33 2.61 -10.94
N SER A 316 -14.44 1.93 -11.16
CA SER A 316 -15.29 1.49 -10.06
C SER A 316 -14.61 0.29 -9.39
N LYS A 317 -13.75 -0.36 -10.14
CA LYS A 317 -13.01 -1.50 -9.62
C LYS A 317 -11.63 -1.03 -9.05
N GLY A 318 -11.41 0.28 -8.96
CA GLY A 318 -10.18 0.76 -8.40
C GLY A 318 -9.04 0.97 -9.37
N GLY A 319 -9.28 0.88 -10.69
CA GLY A 319 -8.16 1.06 -11.57
C GLY A 319 -8.12 2.37 -12.31
N ASN A 320 -7.08 2.54 -13.15
CA ASN A 320 -6.96 3.69 -14.06
C ASN A 320 -7.07 3.05 -15.43
N LEU A 321 -7.62 3.78 -16.39
CA LEU A 321 -7.72 3.28 -17.74
C LEU A 321 -6.55 3.90 -18.53
N LEU A 322 -5.71 3.07 -19.14
CA LEU A 322 -4.59 3.62 -19.92
C LEU A 322 -4.95 3.41 -21.39
N LEU A 323 -5.72 4.32 -21.96
CA LEU A 323 -6.18 4.23 -23.37
C LEU A 323 -5.09 4.52 -24.39
N ASN A 324 -4.93 3.62 -25.37
CA ASN A 324 -3.84 3.79 -26.34
C ASN A 324 -4.24 4.51 -27.61
N VAL A 325 -3.30 5.31 -28.13
CA VAL A 325 -3.43 5.98 -29.41
C VAL A 325 -2.24 5.53 -30.29
N GLY A 326 -2.53 5.32 -31.55
CA GLY A 326 -1.52 4.92 -32.48
C GLY A 326 -1.46 5.88 -33.66
N PRO A 327 -0.57 6.89 -33.59
CA PRO A 327 -0.29 7.95 -34.57
C PRO A 327 0.25 7.41 -35.88
N LYS A 328 0.13 8.17 -36.93
CA LYS A 328 0.72 7.74 -38.19
C LYS A 328 2.19 8.14 -38.22
N GLY A 329 2.89 7.62 -39.22
CA GLY A 329 4.30 7.92 -39.44
C GLY A 329 4.61 9.39 -39.53
N ASP A 330 3.63 10.18 -39.98
CA ASP A 330 3.82 11.61 -40.18
C ASP A 330 3.62 12.45 -38.92
N GLY A 331 3.20 11.78 -37.84
CA GLY A 331 2.97 12.47 -36.58
C GLY A 331 1.54 12.97 -36.38
N THR A 332 0.61 12.43 -37.17
CA THR A 332 -0.77 12.84 -37.06
C THR A 332 -1.55 11.74 -36.38
N ILE A 333 -2.64 12.12 -35.74
CA ILE A 333 -3.49 11.18 -35.08
C ILE A 333 -4.73 10.99 -35.93
N PRO A 334 -4.97 9.74 -36.39
CA PRO A 334 -6.12 9.39 -37.25
C PRO A 334 -7.46 9.90 -36.68
N ASP A 335 -8.29 10.46 -37.57
CA ASP A 335 -9.63 11.01 -37.22
C ASP A 335 -10.51 10.09 -36.39
N LEU A 336 -10.56 8.82 -36.76
CA LEU A 336 -11.36 7.87 -36.00
C LEU A 336 -10.95 7.90 -34.54
N GLN A 337 -9.65 7.98 -34.29
CA GLN A 337 -9.14 7.96 -32.92
C GLN A 337 -9.46 9.24 -32.20
N LYS A 338 -9.18 10.33 -32.89
CA LYS A 338 -9.42 11.65 -32.37
C LYS A 338 -10.90 11.77 -31.96
N GLU A 339 -11.80 11.39 -32.86
CA GLU A 339 -13.23 11.51 -32.57
C GLU A 339 -13.55 10.82 -31.27
N ARG A 340 -13.02 9.62 -31.07
CA ARG A 340 -13.36 8.95 -29.83
C ARG A 340 -12.75 9.59 -28.59
N LEU A 341 -11.59 10.19 -28.73
CA LEU A 341 -10.98 10.84 -27.60
C LEU A 341 -11.82 12.06 -27.20
N LEU A 342 -12.31 12.78 -28.21
CA LEU A 342 -13.08 13.99 -27.94
C LEU A 342 -14.46 13.71 -27.34
N GLY A 343 -15.10 12.63 -27.74
CA GLY A 343 -16.40 12.33 -27.16
C GLY A 343 -16.27 11.91 -25.70
N LEU A 344 -15.16 11.23 -25.39
CA LEU A 344 -14.90 10.77 -24.06
C LEU A 344 -14.59 12.00 -23.19
N GLY A 345 -13.83 12.95 -23.72
CA GLY A 345 -13.51 14.16 -22.99
C GLY A 345 -14.77 14.95 -22.72
N GLU A 346 -15.70 14.92 -23.67
CA GLU A 346 -16.94 15.61 -23.49
C GLU A 346 -17.72 14.97 -22.34
N TRP A 347 -17.77 13.65 -22.26
CA TRP A 347 -18.52 13.07 -21.13
C TRP A 347 -17.82 13.36 -19.76
N LEU A 348 -16.48 13.39 -19.78
CA LEU A 348 -15.68 13.62 -18.61
C LEU A 348 -15.86 15.04 -18.13
N ARG A 349 -16.12 15.97 -19.06
CA ARG A 349 -16.37 17.35 -18.68
C ARG A 349 -17.69 17.41 -17.87
N LYS A 350 -18.65 16.55 -18.22
CA LYS A 350 -19.91 16.58 -17.48
C LYS A 350 -19.85 15.82 -16.19
N TYR A 351 -19.29 14.61 -16.22
CA TYR A 351 -19.33 13.76 -15.05
C TYR A 351 -18.02 13.54 -14.29
N GLY A 352 -17.00 14.30 -14.72
CA GLY A 352 -15.70 14.19 -14.12
C GLY A 352 -15.71 14.02 -12.65
N ASP A 353 -16.57 14.75 -11.97
CA ASP A 353 -16.64 14.75 -10.53
C ASP A 353 -17.00 13.40 -9.92
N ALA A 354 -17.63 12.53 -10.72
CA ALA A 354 -17.95 11.19 -10.21
C ALA A 354 -16.83 10.19 -10.63
N ILE A 355 -15.75 10.69 -11.23
CA ILE A 355 -14.66 9.82 -11.65
C ILE A 355 -13.32 10.18 -11.00
N TYR A 356 -12.79 11.34 -11.40
CA TYR A 356 -11.53 11.85 -10.85
C TYR A 356 -11.55 11.81 -9.34
N GLY A 357 -10.38 11.51 -8.74
CA GLY A 357 -10.23 11.54 -7.30
C GLY A 357 -11.22 10.74 -6.50
N THR A 358 -11.93 9.80 -7.11
CA THR A 358 -12.86 8.93 -6.37
C THR A 358 -12.14 7.69 -5.79
N SER A 359 -12.86 6.94 -4.95
CA SER A 359 -12.38 5.71 -4.32
C SER A 359 -13.42 4.68 -4.56
N VAL A 360 -13.06 3.42 -4.37
CA VAL A 360 -13.97 2.33 -4.54
C VAL A 360 -14.93 2.36 -3.37
N TRP A 361 -16.12 1.82 -3.58
CA TRP A 361 -17.11 1.76 -2.52
C TRP A 361 -17.04 0.36 -1.88
N GLU A 362 -18.16 -0.14 -1.42
CA GLU A 362 -18.23 -1.47 -0.81
C GLU A 362 -18.25 -2.53 -1.88
N ARG A 363 -18.91 -2.23 -2.96
CA ARG A 363 -19.05 -3.15 -4.06
C ARG A 363 -18.88 -2.26 -5.23
N CYS A 364 -18.56 -2.84 -6.35
CA CYS A 364 -18.33 -2.07 -7.54
C CYS A 364 -19.54 -2.05 -8.43
N CYS A 365 -20.37 -3.05 -8.22
CA CYS A 365 -21.41 -3.33 -9.17
C CYS A 365 -22.83 -3.64 -8.72
N ALA A 366 -23.75 -3.50 -9.65
CA ALA A 366 -25.17 -3.76 -9.43
C ALA A 366 -25.90 -3.76 -10.78
N LYS A 367 -27.17 -4.16 -10.77
CA LYS A 367 -27.94 -4.13 -12.02
C LYS A 367 -29.39 -3.82 -11.76
N THR A 368 -30.05 -3.22 -12.73
CA THR A 368 -31.47 -2.91 -12.57
C THR A 368 -32.34 -4.12 -12.89
N GLU A 369 -33.59 -4.09 -12.44
CA GLU A 369 -34.52 -5.18 -12.66
C GLU A 369 -34.63 -5.61 -14.12
N ASP A 370 -34.31 -4.73 -15.04
CA ASP A 370 -34.40 -5.15 -16.41
C ASP A 370 -33.01 -5.18 -17.02
N GLY A 371 -32.03 -5.40 -16.15
CA GLY A 371 -30.65 -5.55 -16.61
C GLY A 371 -29.72 -4.42 -16.99
N THR A 372 -30.00 -3.21 -16.58
CA THR A 372 -29.05 -2.16 -16.91
C THR A 372 -27.93 -2.28 -15.86
N GLU A 373 -26.69 -2.34 -16.34
CA GLU A 373 -25.59 -2.49 -15.39
C GLU A 373 -25.30 -1.21 -14.62
N ILE A 374 -25.03 -1.38 -13.33
CA ILE A 374 -24.69 -0.24 -12.50
C ILE A 374 -23.31 -0.32 -11.85
N ARG A 375 -22.63 0.83 -11.82
CA ARG A 375 -21.31 0.92 -11.18
C ARG A 375 -21.31 2.04 -10.10
N PHE A 376 -20.56 1.81 -9.03
CA PHE A 376 -20.39 2.74 -7.93
C PHE A 376 -18.96 3.33 -7.71
N THR A 377 -18.89 4.59 -7.30
CA THR A 377 -17.63 5.21 -6.91
C THR A 377 -17.93 6.07 -5.69
N ARG A 378 -16.90 6.45 -4.96
CA ARG A 378 -17.05 7.18 -3.72
C ARG A 378 -16.19 8.48 -3.53
N LYS A 379 -16.70 9.36 -2.68
CA LYS A 379 -15.98 10.57 -2.32
C LYS A 379 -16.48 10.90 -0.93
N CYS A 380 -15.77 10.35 0.05
CA CYS A 380 -16.09 10.50 1.46
C CYS A 380 -17.46 9.90 1.63
N ASN A 381 -18.43 10.71 2.10
CA ASN A 381 -19.80 10.25 2.31
C ASN A 381 -20.65 10.26 1.04
N ARG A 382 -20.15 10.87 -0.05
CA ARG A 382 -20.89 10.89 -1.31
C ARG A 382 -20.65 9.62 -2.20
N ILE A 383 -21.72 8.94 -2.54
CA ILE A 383 -21.65 7.74 -3.34
C ILE A 383 -22.25 7.95 -4.68
N PHE A 384 -21.45 7.75 -5.71
CA PHE A 384 -21.95 7.95 -7.05
C PHE A 384 -22.54 6.66 -7.60
N VAL A 385 -23.68 6.81 -8.28
CA VAL A 385 -24.37 5.68 -8.85
C VAL A 385 -24.43 5.91 -10.33
N ILE A 386 -23.64 5.14 -11.07
CA ILE A 386 -23.53 5.27 -12.50
C ILE A 386 -24.16 4.12 -13.27
N PHE A 387 -25.12 4.50 -14.10
CA PHE A 387 -25.85 3.59 -14.95
C PHE A 387 -25.12 3.51 -16.27
N LEU A 388 -24.93 2.29 -16.77
CA LEU A 388 -24.23 2.16 -18.01
C LEU A 388 -25.34 2.25 -19.04
N GLY A 389 -25.81 3.46 -19.19
CA GLY A 389 -26.88 3.70 -20.12
C GLY A 389 -27.97 4.48 -19.44
N ILE A 390 -28.92 4.96 -20.21
CA ILE A 390 -30.02 5.74 -19.63
C ILE A 390 -31.35 5.01 -19.72
N PRO A 391 -31.90 4.59 -18.58
CA PRO A 391 -33.17 3.87 -18.42
C PRO A 391 -34.29 4.70 -19.01
N THR A 392 -35.23 4.03 -19.67
CA THR A 392 -36.34 4.72 -20.31
C THR A 392 -37.52 5.00 -19.38
N GLY A 393 -37.85 4.05 -18.52
CA GLY A 393 -38.95 4.29 -17.62
C GLY A 393 -38.48 5.28 -16.57
N GLU A 394 -39.39 5.78 -15.74
CA GLU A 394 -39.03 6.71 -14.67
C GLU A 394 -38.83 5.93 -13.39
N LYS A 395 -39.51 4.80 -13.29
CA LYS A 395 -39.42 3.97 -12.10
C LYS A 395 -38.22 3.08 -12.34
N ILE A 396 -37.34 3.04 -11.36
CA ILE A 396 -36.14 2.28 -11.53
C ILE A 396 -35.90 1.32 -10.37
N VAL A 397 -35.66 0.06 -10.71
CA VAL A 397 -35.42 -0.92 -9.65
C VAL A 397 -34.03 -1.53 -9.69
N ILE A 398 -33.24 -1.23 -8.66
CA ILE A 398 -31.88 -1.75 -8.50
C ILE A 398 -31.96 -3.02 -7.69
N GLU A 399 -31.53 -4.13 -8.28
CA GLU A 399 -31.58 -5.40 -7.59
C GLU A 399 -30.47 -5.56 -6.53
N ASP A 400 -30.85 -6.11 -5.39
CA ASP A 400 -29.93 -6.38 -4.29
C ASP A 400 -29.17 -5.19 -3.76
N LEU A 401 -29.90 -4.14 -3.38
CA LEU A 401 -29.25 -2.98 -2.85
C LEU A 401 -30.19 -2.27 -1.95
N ASN A 402 -29.70 -1.91 -0.77
CA ASN A 402 -30.45 -1.17 0.22
C ASN A 402 -29.60 0.09 0.50
N LEU A 403 -30.22 1.14 0.98
CA LEU A 403 -29.48 2.36 1.29
C LEU A 403 -29.86 2.89 2.64
N SER A 404 -28.87 3.46 3.31
CA SER A 404 -29.08 4.05 4.62
C SER A 404 -28.59 5.46 4.47
N ALA A 405 -29.15 6.18 3.49
CA ALA A 405 -28.75 7.55 3.25
C ALA A 405 -29.81 8.55 3.69
N GLY A 406 -30.94 8.55 3.02
CA GLY A 406 -31.97 9.50 3.38
C GLY A 406 -32.05 10.56 2.29
N THR A 407 -30.98 10.69 1.49
CA THR A 407 -31.03 11.66 0.39
C THR A 407 -30.24 11.27 -0.86
N VAL A 408 -30.96 10.99 -1.94
CA VAL A 408 -30.43 10.65 -3.25
C VAL A 408 -30.75 11.79 -4.22
N ARG A 409 -29.76 12.29 -4.95
CA ARG A 409 -29.98 13.40 -5.85
C ARG A 409 -29.64 13.02 -7.22
N HIS A 410 -30.08 13.82 -8.18
CA HIS A 410 -29.76 13.60 -9.56
C HIS A 410 -28.48 14.38 -9.68
N PHE A 411 -27.44 13.73 -10.15
CA PHE A 411 -26.13 14.34 -10.23
C PHE A 411 -25.96 15.59 -11.07
N LEU A 412 -26.50 15.59 -12.29
CA LEU A 412 -26.33 16.77 -13.12
C LEU A 412 -27.13 18.01 -12.63
N THR A 413 -28.35 17.79 -12.14
CA THR A 413 -29.19 18.89 -11.69
C THR A 413 -29.11 19.14 -10.20
N GLY A 414 -28.80 18.10 -9.44
CA GLY A 414 -28.76 18.25 -7.99
C GLY A 414 -30.16 17.96 -7.41
N GLU A 415 -31.15 17.87 -8.29
CA GLU A 415 -32.51 17.59 -7.89
C GLU A 415 -32.62 16.39 -6.98
N ARG A 416 -33.20 16.61 -5.82
CA ARG A 416 -33.43 15.57 -4.86
C ARG A 416 -34.49 14.64 -5.46
N LEU A 417 -34.30 13.33 -5.33
CA LEU A 417 -35.24 12.38 -5.89
C LEU A 417 -35.86 11.51 -4.81
N SER A 418 -36.97 10.88 -5.19
CA SER A 418 -37.71 10.05 -4.28
C SER A 418 -37.32 8.60 -4.41
N PHE A 419 -37.06 7.99 -3.25
CA PHE A 419 -36.65 6.58 -3.18
C PHE A 419 -37.05 5.93 -1.86
N LYS A 420 -37.07 4.61 -1.89
CA LYS A 420 -37.35 3.78 -0.73
C LYS A 420 -36.77 2.39 -0.97
N ASN A 421 -36.32 1.77 0.12
CA ASN A 421 -35.79 0.42 0.08
C ASN A 421 -37.02 -0.49 0.08
N VAL A 422 -37.15 -1.30 -0.94
CA VAL A 422 -38.26 -2.22 -1.06
C VAL A 422 -37.72 -3.66 -1.07
N GLY A 423 -37.65 -4.32 0.08
CA GLY A 423 -37.12 -5.67 0.08
C GLY A 423 -35.62 -5.65 -0.16
N LYS A 424 -35.11 -6.66 -0.85
CA LYS A 424 -33.68 -6.70 -1.10
C LYS A 424 -33.26 -5.73 -2.22
N ASN A 425 -34.17 -4.84 -2.60
CA ASN A 425 -33.91 -3.86 -3.65
C ASN A 425 -34.09 -2.42 -3.21
N LEU A 426 -33.82 -1.53 -4.15
CA LEU A 426 -33.98 -0.10 -3.94
C LEU A 426 -34.83 0.44 -5.09
N GLU A 427 -35.83 1.25 -4.78
CA GLU A 427 -36.69 1.79 -5.82
C GLU A 427 -36.54 3.30 -5.90
N ILE A 428 -36.53 3.83 -7.12
CA ILE A 428 -36.35 5.26 -7.27
C ILE A 428 -37.06 5.74 -8.50
N THR A 429 -37.54 6.98 -8.40
CA THR A 429 -38.27 7.64 -9.44
C THR A 429 -37.40 8.74 -10.04
N VAL A 430 -37.16 8.64 -11.33
CA VAL A 430 -36.36 9.66 -11.94
C VAL A 430 -37.18 10.22 -13.06
N PRO A 431 -37.66 11.46 -12.89
CA PRO A 431 -38.48 12.22 -13.83
C PRO A 431 -37.78 12.23 -15.17
N LYS A 432 -38.53 11.95 -16.24
CA LYS A 432 -37.93 11.92 -17.56
C LYS A 432 -37.26 13.24 -17.97
N LYS A 433 -37.73 14.37 -17.45
CA LYS A 433 -37.04 15.60 -17.83
C LYS A 433 -35.57 15.50 -17.36
N LEU A 434 -35.31 14.79 -16.26
CA LEU A 434 -33.93 14.62 -15.82
C LEU A 434 -33.24 13.57 -16.71
N LEU A 435 -33.88 12.41 -16.83
CA LEU A 435 -33.34 11.35 -17.65
C LEU A 435 -32.97 11.91 -19.01
N GLU A 436 -33.73 12.89 -19.43
CA GLU A 436 -33.50 13.46 -20.72
C GLU A 436 -32.34 14.41 -20.76
N THR A 437 -31.76 14.69 -19.61
CA THR A 437 -30.61 15.61 -19.61
C THR A 437 -29.24 14.89 -19.56
N ASP A 438 -29.26 13.64 -19.12
CA ASP A 438 -28.03 12.89 -19.02
C ASP A 438 -27.45 12.49 -20.37
N SER A 439 -26.15 12.25 -20.42
CA SER A 439 -25.58 11.90 -21.71
C SER A 439 -25.44 10.45 -22.09
N ILE A 440 -24.68 9.66 -21.38
CA ILE A 440 -24.62 8.28 -21.87
C ILE A 440 -24.89 7.46 -20.66
N THR A 441 -24.81 8.13 -19.55
CA THR A 441 -24.99 7.49 -18.30
C THR A 441 -25.89 8.34 -17.42
N LEU A 442 -26.78 7.65 -16.70
CA LEU A 442 -27.63 8.31 -15.76
C LEU A 442 -26.74 8.33 -14.52
N VAL A 443 -26.56 9.48 -13.91
CA VAL A 443 -25.75 9.44 -12.70
C VAL A 443 -26.48 9.96 -11.47
N LEU A 444 -26.56 9.12 -10.45
CA LEU A 444 -27.18 9.55 -9.22
C LEU A 444 -26.11 9.70 -8.16
N GLU A 445 -26.43 10.49 -7.15
CA GLU A 445 -25.51 10.79 -6.08
C GLU A 445 -26.24 10.56 -4.78
N ALA A 446 -25.77 9.62 -3.98
CA ALA A 446 -26.41 9.33 -2.72
C ALA A 446 -25.51 9.90 -1.66
N VAL A 447 -26.09 10.22 -0.52
CA VAL A 447 -25.33 10.79 0.57
C VAL A 447 -25.79 10.16 1.85
N GLU A 448 -24.92 9.38 2.48
CA GLU A 448 -25.32 8.77 3.75
C GLU A 448 -24.81 9.59 4.94
N ARG B 7 -6.37 -16.28 -4.65
CA ARG B 7 -5.23 -16.94 -4.01
C ARG B 7 -3.90 -16.20 -4.15
N TYR B 8 -3.20 -16.02 -3.05
CA TYR B 8 -1.86 -15.44 -3.10
C TYR B 8 -0.97 -16.65 -3.40
N LYS B 9 0.04 -16.46 -4.24
CA LYS B 9 0.97 -17.53 -4.57
C LYS B 9 2.17 -17.35 -3.65
N PRO B 10 2.93 -18.44 -3.41
CA PRO B 10 4.08 -18.26 -2.53
C PRO B 10 5.24 -17.58 -3.18
N ASP B 11 5.06 -16.30 -3.45
CA ASP B 11 6.19 -15.57 -4.00
C ASP B 11 6.01 -14.12 -3.68
N TRP B 12 7.12 -13.41 -3.41
CA TRP B 12 7.09 -11.99 -3.03
C TRP B 12 6.32 -11.06 -3.98
N GLU B 13 6.44 -11.23 -5.29
CA GLU B 13 5.70 -10.36 -6.21
C GLU B 13 4.19 -10.54 -5.93
N SER B 14 3.75 -11.76 -5.70
CA SER B 14 2.35 -12.02 -5.43
C SER B 14 1.90 -11.53 -4.05
N LEU B 15 2.72 -11.81 -3.01
CA LEU B 15 2.39 -11.36 -1.65
C LEU B 15 2.29 -9.84 -1.56
N ARG B 16 2.98 -9.15 -2.44
CA ARG B 16 2.95 -7.69 -2.49
C ARG B 16 1.51 -7.20 -2.58
N GLU B 17 0.66 -7.97 -3.27
CA GLU B 17 -0.77 -7.67 -3.44
C GLU B 17 -1.49 -7.47 -2.13
N HIS B 18 -0.97 -8.03 -1.05
CA HIS B 18 -1.62 -7.89 0.22
C HIS B 18 -1.10 -6.67 0.94
N THR B 19 -1.95 -5.74 1.31
CA THR B 19 -1.47 -4.57 2.07
C THR B 19 -2.09 -4.55 3.44
N VAL B 20 -1.66 -3.63 4.30
CA VAL B 20 -2.17 -3.63 5.65
C VAL B 20 -3.71 -3.51 5.62
N PRO B 21 -4.43 -4.43 6.27
CA PRO B 21 -5.89 -4.32 6.25
C PRO B 21 -6.44 -3.05 6.91
N LYS B 22 -7.63 -2.69 6.47
CA LYS B 22 -8.36 -1.52 6.94
C LYS B 22 -8.53 -1.43 8.46
N TRP B 23 -8.85 -2.57 9.05
CA TRP B 23 -9.08 -2.60 10.46
C TRP B 23 -7.82 -2.25 11.26
N PHE B 24 -6.64 -2.63 10.76
CA PHE B 24 -5.42 -2.35 11.50
C PHE B 24 -5.14 -0.85 11.40
N ASP B 25 -5.18 -0.33 10.16
CA ASP B 25 -5.00 1.10 9.96
C ASP B 25 -5.97 1.99 10.79
N LYS B 26 -7.25 1.60 10.86
CA LYS B 26 -8.27 2.34 11.59
C LYS B 26 -8.18 2.19 13.17
N ALA B 27 -7.69 1.03 13.65
CA ALA B 27 -7.54 0.77 15.12
C ALA B 27 -6.37 1.62 15.46
N LYS B 28 -6.25 2.19 16.62
CA LYS B 28 -4.97 2.96 16.56
C LYS B 28 -4.14 2.65 17.73
N PHE B 29 -4.69 1.77 18.55
CA PHE B 29 -4.17 1.40 19.82
C PHE B 29 -4.33 -0.11 20.04
N GLY B 30 -3.24 -0.76 20.44
CA GLY B 30 -3.27 -2.17 20.75
C GLY B 30 -2.48 -2.40 22.04
N ILE B 31 -2.75 -3.51 22.73
CA ILE B 31 -2.05 -3.86 23.95
C ILE B 31 -1.16 -5.09 23.61
N PHE B 32 0.12 -4.96 23.99
CA PHE B 32 1.16 -5.97 23.87
C PHE B 32 1.23 -6.56 25.29
N ILE B 33 1.43 -7.86 25.39
CA ILE B 33 1.55 -8.50 26.69
C ILE B 33 2.77 -9.39 26.76
N HIS B 34 3.80 -9.00 27.51
CA HIS B 34 4.96 -9.85 27.68
C HIS B 34 4.76 -10.57 29.00
N TRP B 35 4.48 -11.86 28.89
CA TRP B 35 4.20 -12.65 30.07
C TRP B 35 4.85 -13.99 29.88
N GLY B 36 5.58 -14.41 30.90
CA GLY B 36 6.29 -15.67 30.78
C GLY B 36 6.96 -16.03 32.09
N ILE B 37 7.74 -17.11 32.09
CA ILE B 37 8.32 -17.51 33.34
C ILE B 37 9.24 -16.46 33.90
N TYR B 38 9.67 -15.55 33.06
CA TYR B 38 10.53 -14.47 33.50
C TYR B 38 9.69 -13.57 34.41
N SER B 39 8.36 -13.65 34.24
CA SER B 39 7.48 -12.83 35.07
C SER B 39 7.58 -13.19 36.57
N VAL B 40 8.11 -14.39 36.85
CA VAL B 40 8.23 -14.85 38.20
C VAL B 40 9.29 -14.04 38.90
N PRO B 41 10.54 -14.18 38.48
CA PRO B 41 11.44 -13.32 39.24
C PRO B 41 11.08 -11.83 39.03
N GLY B 42 10.42 -11.47 37.91
CA GLY B 42 10.08 -10.11 37.58
C GLY B 42 11.07 -9.06 38.07
N TRP B 43 12.34 -9.14 37.64
CA TRP B 43 13.36 -8.19 38.12
C TRP B 43 14.34 -7.74 37.05
N ALA B 44 14.68 -6.43 37.06
CA ALA B 44 15.67 -5.84 36.11
C ALA B 44 16.15 -4.47 36.64
N THR B 45 17.39 -4.13 36.35
CA THR B 45 17.88 -2.81 36.74
C THR B 45 17.25 -1.84 35.70
N PRO B 46 16.38 -0.92 36.17
CA PRO B 46 15.72 0.04 35.27
C PRO B 46 16.67 1.17 34.78
N THR B 47 17.63 0.78 33.95
CA THR B 47 18.65 1.67 33.45
C THR B 47 18.27 2.86 32.62
N GLY B 48 17.33 2.69 31.68
CA GLY B 48 16.95 3.78 30.81
C GLY B 48 16.27 3.22 29.57
N GLU B 49 16.01 4.07 28.60
CA GLU B 49 15.34 3.68 27.38
C GLU B 49 16.24 3.18 26.25
N LEU B 50 15.73 2.18 25.52
CA LEU B 50 16.49 1.66 24.38
C LEU B 50 16.72 2.83 23.39
N GLY B 51 17.98 2.96 22.98
CA GLY B 51 18.30 4.04 22.09
C GLY B 51 19.06 5.11 22.84
N LYS B 52 18.93 5.21 24.16
CA LYS B 52 19.69 6.24 24.88
C LYS B 52 20.70 5.65 25.88
N VAL B 53 20.67 4.35 26.07
CA VAL B 53 21.63 3.70 26.96
C VAL B 53 22.72 3.18 26.04
N PRO B 54 24.01 3.43 26.37
CA PRO B 54 25.13 2.94 25.53
C PRO B 54 25.15 1.40 25.43
N MET B 55 25.19 0.89 24.21
CA MET B 55 25.15 -0.52 23.94
C MET B 55 26.27 -1.44 24.46
N ASP B 56 27.32 -0.83 25.01
CA ASP B 56 28.45 -1.55 25.62
C ASP B 56 28.11 -1.85 27.07
N ALA B 57 27.04 -1.23 27.58
CA ALA B 57 26.61 -1.53 28.91
C ALA B 57 25.18 -2.16 28.93
N TRP B 58 24.40 -1.90 27.88
CA TRP B 58 23.03 -2.34 27.79
C TRP B 58 22.75 -3.77 28.26
N PHE B 59 23.42 -4.77 27.64
CA PHE B 59 23.18 -6.15 28.05
C PHE B 59 23.63 -6.48 29.45
N PHE B 60 24.54 -5.69 30.01
CA PHE B 60 25.06 -5.92 31.35
C PHE B 60 24.20 -5.35 32.47
N GLN B 61 23.32 -4.40 32.14
CA GLN B 61 22.38 -3.74 33.08
C GLN B 61 21.12 -3.61 32.22
N ASN B 62 20.68 -4.74 31.70
CA ASN B 62 19.52 -4.77 30.87
C ASN B 62 18.21 -4.34 31.58
N PRO B 63 17.55 -3.29 31.10
CA PRO B 63 16.28 -2.85 31.71
C PRO B 63 15.04 -3.77 31.30
N TYR B 64 15.21 -4.61 30.28
CA TYR B 64 14.15 -5.48 29.82
C TYR B 64 14.13 -6.72 30.69
N ALA B 65 13.17 -6.78 31.61
CA ALA B 65 13.11 -7.91 32.52
C ALA B 65 12.88 -9.24 31.81
N GLU B 66 12.20 -9.25 30.66
CA GLU B 66 12.07 -10.55 29.95
C GLU B 66 13.47 -11.11 29.54
N TRP B 67 14.53 -10.32 29.63
CA TRP B 67 15.86 -10.73 29.27
C TRP B 67 16.62 -11.32 30.46
N TYR B 68 15.85 -11.56 31.52
CA TYR B 68 16.38 -12.14 32.73
C TYR B 68 17.32 -13.32 32.53
N GLU B 69 16.93 -14.29 31.71
CA GLU B 69 17.83 -15.43 31.51
C GLU B 69 19.18 -15.05 30.83
N ASN B 70 19.11 -14.21 29.81
CA ASN B 70 20.35 -13.75 29.23
C ASN B 70 21.24 -13.06 30.35
N SER B 71 20.63 -12.17 31.13
CA SER B 71 21.35 -11.49 32.18
C SER B 71 21.92 -12.50 33.21
N LEU B 72 21.13 -13.49 33.56
CA LEU B 72 21.53 -14.51 34.50
C LEU B 72 22.75 -15.24 33.98
N ARG B 73 22.82 -15.46 32.66
CA ARG B 73 23.97 -16.16 32.08
C ARG B 73 25.28 -15.31 32.11
N ILE B 74 25.18 -14.02 32.39
CA ILE B 74 26.36 -13.16 32.48
C ILE B 74 26.72 -13.10 33.97
N LYS B 75 27.66 -13.93 34.37
CA LYS B 75 28.04 -13.99 35.76
C LYS B 75 28.49 -12.60 36.17
N GLU B 76 28.21 -12.21 37.39
CA GLU B 76 28.61 -10.86 37.75
C GLU B 76 27.89 -9.86 36.79
N SER B 77 26.60 -9.77 37.00
CA SER B 77 25.75 -8.83 36.30
C SER B 77 24.75 -8.59 37.47
N PRO B 78 24.12 -7.42 37.47
CA PRO B 78 23.17 -7.26 38.58
C PRO B 78 22.22 -8.48 38.69
N THR B 79 21.69 -8.97 37.57
CA THR B 79 20.78 -10.10 37.66
C THR B 79 21.39 -11.33 38.35
N TRP B 80 22.64 -11.63 38.02
CA TRP B 80 23.33 -12.75 38.61
C TRP B 80 23.41 -12.61 40.14
N GLU B 81 23.95 -11.48 40.59
CA GLU B 81 24.09 -11.24 42.02
C GLU B 81 22.72 -11.33 42.69
N TYR B 82 21.74 -10.73 42.04
CA TYR B 82 20.42 -10.76 42.59
C TYR B 82 19.82 -12.17 42.70
N HIS B 83 20.02 -12.94 41.65
CA HIS B 83 19.47 -14.26 41.54
C HIS B 83 20.05 -15.19 42.60
N VAL B 84 21.37 -15.09 42.76
CA VAL B 84 22.07 -15.93 43.70
C VAL B 84 21.71 -15.63 45.13
N LYS B 85 21.62 -14.34 45.44
CA LYS B 85 21.22 -13.89 46.75
C LYS B 85 19.78 -14.32 47.05
N THR B 86 18.88 -14.31 46.05
CA THR B 86 17.45 -14.63 46.21
C THR B 86 17.02 -16.10 46.00
N TYR B 87 17.61 -16.75 45.03
CA TYR B 87 17.22 -18.09 44.72
C TYR B 87 18.29 -19.12 44.94
N GLY B 88 19.54 -18.66 44.81
CA GLY B 88 20.72 -19.48 44.94
C GLY B 88 21.28 -19.88 43.59
N GLU B 89 22.55 -20.29 43.58
CA GLU B 89 23.23 -20.76 42.38
C GLU B 89 22.62 -22.03 41.79
N ASN B 90 22.27 -22.99 42.65
CA ASN B 90 21.66 -24.27 42.25
C ASN B 90 20.19 -24.08 41.82
N PHE B 91 19.85 -22.91 41.28
CA PHE B 91 18.49 -22.66 40.88
C PHE B 91 18.52 -22.18 39.43
N GLU B 92 18.37 -23.09 38.47
CA GLU B 92 18.39 -22.78 37.02
C GLU B 92 17.18 -22.01 36.63
N TYR B 93 17.35 -21.19 35.61
CA TYR B 93 16.25 -20.40 35.07
C TYR B 93 14.98 -21.22 34.71
N GLU B 94 15.14 -22.40 34.10
CA GLU B 94 14.02 -23.24 33.69
C GLU B 94 13.12 -23.60 34.89
N LYS B 95 13.68 -23.66 36.10
CA LYS B 95 12.91 -23.97 37.33
C LYS B 95 11.67 -23.02 37.48
N PHE B 96 11.77 -21.80 36.91
CA PHE B 96 10.68 -20.83 36.92
C PHE B 96 9.45 -21.28 36.14
N ALA B 97 9.60 -22.21 35.20
CA ALA B 97 8.42 -22.73 34.49
C ALA B 97 7.50 -23.48 35.45
N ASP B 98 8.08 -23.98 36.52
CA ASP B 98 7.28 -24.70 37.49
C ASP B 98 6.67 -23.74 38.45
N LEU B 99 7.28 -22.58 38.65
CA LEU B 99 6.68 -21.64 39.59
C LEU B 99 5.74 -20.72 38.87
N PHE B 100 5.65 -20.85 37.56
CA PHE B 100 4.76 -19.98 36.80
C PHE B 100 3.33 -20.58 36.82
N THR B 101 2.59 -20.26 37.88
CA THR B 101 1.27 -20.88 38.02
C THR B 101 0.02 -20.11 37.71
N ALA B 102 0.14 -18.81 37.36
CA ALA B 102 -1.02 -17.98 36.95
C ALA B 102 -2.25 -18.24 37.81
N GLU B 103 -1.98 -18.43 39.09
CA GLU B 103 -2.97 -18.72 40.13
C GLU B 103 -4.17 -17.83 40.08
N LYS B 104 -3.96 -16.53 39.90
CA LYS B 104 -5.07 -15.60 39.88
C LYS B 104 -5.46 -15.09 38.52
N TRP B 105 -5.05 -15.75 37.46
CA TRP B 105 -5.39 -15.29 36.14
C TRP B 105 -6.84 -15.45 35.69
N ASP B 106 -7.42 -14.42 35.11
CA ASP B 106 -8.79 -14.44 34.61
C ASP B 106 -8.72 -13.73 33.25
N PRO B 107 -8.71 -14.52 32.17
CA PRO B 107 -8.63 -13.89 30.87
C PRO B 107 -9.74 -12.88 30.57
N GLN B 108 -10.94 -13.10 31.08
CA GLN B 108 -12.01 -12.15 30.79
C GLN B 108 -11.85 -10.86 31.50
N GLU B 109 -11.30 -10.89 32.70
CA GLU B 109 -11.06 -9.65 33.38
C GLU B 109 -9.96 -8.88 32.60
N TRP B 110 -9.04 -9.60 31.95
CA TRP B 110 -7.98 -8.99 31.17
C TRP B 110 -8.58 -8.30 29.99
N ALA B 111 -9.38 -9.06 29.28
CA ALA B 111 -9.99 -8.53 28.11
C ALA B 111 -10.93 -7.31 28.46
N ASP B 112 -11.60 -7.35 29.61
CA ASP B 112 -12.46 -6.25 29.99
C ASP B 112 -11.62 -4.99 30.15
N LEU B 113 -10.50 -5.12 30.86
CA LEU B 113 -9.59 -4.05 31.08
C LEU B 113 -9.04 -3.42 29.78
N PHE B 114 -8.65 -4.25 28.81
CA PHE B 114 -8.08 -3.73 27.56
C PHE B 114 -9.14 -2.98 26.77
N LYS B 115 -10.39 -3.44 26.88
CA LYS B 115 -11.45 -2.76 26.19
C LYS B 115 -11.74 -1.42 26.89
N LYS B 116 -11.71 -1.41 28.20
CA LYS B 116 -11.96 -0.16 28.90
C LYS B 116 -10.87 0.85 28.56
N ALA B 117 -9.64 0.35 28.37
CA ALA B 117 -8.49 1.19 28.04
C ALA B 117 -8.57 1.74 26.60
N GLY B 118 -9.52 1.25 25.80
CA GLY B 118 -9.64 1.75 24.46
C GLY B 118 -8.83 0.99 23.44
N ALA B 119 -8.19 -0.15 23.80
CA ALA B 119 -7.42 -0.94 22.83
C ALA B 119 -8.37 -1.68 21.88
N LYS B 120 -7.97 -1.91 20.65
CA LYS B 120 -8.87 -2.59 19.73
C LYS B 120 -8.28 -3.94 19.28
N TYR B 121 -7.08 -4.25 19.81
CA TYR B 121 -6.43 -5.48 19.55
C TYR B 121 -5.45 -5.73 20.63
N VAL B 122 -5.08 -7.01 20.71
CA VAL B 122 -4.19 -7.55 21.70
C VAL B 122 -3.24 -8.58 21.13
N ILE B 123 -2.02 -8.52 21.62
CA ILE B 123 -0.99 -9.43 21.18
C ILE B 123 -0.05 -9.91 22.29
N PRO B 124 -0.24 -11.14 22.77
CA PRO B 124 0.57 -11.77 23.81
C PRO B 124 1.79 -12.45 23.18
N THR B 125 2.84 -12.53 23.97
CA THR B 125 4.05 -13.22 23.57
C THR B 125 3.67 -14.75 23.63
N THR B 126 3.67 -15.44 22.50
CA THR B 126 3.37 -16.88 22.55
C THR B 126 4.65 -17.67 22.93
N LYS B 127 5.82 -17.13 22.56
CA LYS B 127 7.17 -17.67 22.87
C LYS B 127 8.17 -16.53 22.87
N HIS B 128 8.82 -16.28 23.98
CA HIS B 128 9.80 -15.21 23.97
C HIS B 128 11.18 -15.81 23.76
N HIS B 129 12.23 -14.98 23.82
CA HIS B 129 13.59 -15.48 23.61
C HIS B 129 14.00 -16.71 24.43
N ASP B 130 13.43 -16.91 25.62
CA ASP B 130 13.77 -18.01 26.45
C ASP B 130 13.15 -19.36 25.93
N GLY B 131 12.34 -19.26 24.87
CA GLY B 131 11.77 -20.45 24.26
C GLY B 131 10.64 -21.17 24.98
N PHE B 132 10.14 -20.59 26.07
CA PHE B 132 9.03 -21.19 26.77
C PHE B 132 7.74 -20.89 25.97
N CYS B 133 6.94 -21.90 25.67
CA CYS B 133 5.71 -21.67 24.90
C CYS B 133 4.44 -21.59 25.73
N LEU B 134 3.62 -20.59 25.42
CA LEU B 134 2.40 -20.41 26.16
C LEU B 134 1.13 -21.11 25.55
N TRP B 135 1.32 -22.08 24.68
CA TRP B 135 0.18 -22.84 24.13
C TRP B 135 0.62 -24.29 24.16
N GLY B 136 -0.30 -25.24 24.02
CA GLY B 136 0.14 -26.63 24.08
C GLY B 136 0.73 -27.05 22.75
N THR B 137 1.90 -26.51 22.41
CA THR B 137 2.51 -26.87 21.14
C THR B 137 2.88 -28.34 21.16
N LYS B 138 2.95 -28.97 20.00
CA LYS B 138 3.33 -30.38 20.03
C LYS B 138 4.84 -30.48 19.68
N TYR B 139 5.54 -29.35 19.60
CA TYR B 139 6.93 -29.43 19.23
C TYR B 139 7.87 -29.23 20.36
N THR B 140 7.33 -28.91 21.53
CA THR B 140 8.20 -28.83 22.68
C THR B 140 7.41 -29.11 23.96
N ASP B 141 8.08 -29.66 24.97
CA ASP B 141 7.45 -29.90 26.28
C ASP B 141 7.63 -28.70 27.19
N PHE B 142 8.46 -27.77 26.79
CA PHE B 142 8.72 -26.59 27.58
C PHE B 142 7.60 -25.59 27.23
N ASN B 143 6.38 -25.91 27.67
CA ASN B 143 5.25 -25.10 27.37
C ASN B 143 4.28 -25.07 28.58
N SER B 144 3.39 -24.09 28.58
CA SER B 144 2.47 -23.87 29.69
C SER B 144 1.41 -24.92 30.00
N VAL B 145 1.10 -25.83 29.06
CA VAL B 145 0.15 -26.93 29.29
C VAL B 145 0.84 -28.01 30.16
N LYS B 146 2.10 -28.27 29.86
CA LYS B 146 2.88 -29.25 30.60
C LYS B 146 3.64 -28.83 31.84
N ARG B 147 3.93 -27.56 31.98
CA ARG B 147 4.67 -27.14 33.14
C ARG B 147 3.73 -26.14 33.78
N GLY B 148 4.22 -25.39 34.74
CA GLY B 148 3.46 -24.36 35.41
C GLY B 148 1.95 -24.17 35.41
N PRO B 149 1.35 -23.25 34.62
CA PRO B 149 -0.10 -22.99 34.56
C PRO B 149 -0.99 -24.13 34.23
N LYS B 150 -0.43 -25.19 33.66
CA LYS B 150 -1.15 -26.37 33.24
C LYS B 150 -2.33 -25.88 32.42
N ARG B 151 -2.03 -25.02 31.47
CA ARG B 151 -3.12 -24.42 30.71
C ARG B 151 -2.67 -23.78 29.40
N ASP B 152 -3.57 -23.77 28.42
CA ASP B 152 -3.32 -23.17 27.13
C ASP B 152 -3.62 -21.67 27.26
N LEU B 153 -2.59 -20.92 27.63
CA LEU B 153 -2.74 -19.50 27.86
C LEU B 153 -3.15 -18.74 26.62
N VAL B 154 -2.45 -18.99 25.52
CA VAL B 154 -2.76 -18.30 24.27
C VAL B 154 -4.23 -18.50 23.81
N GLY B 155 -4.69 -19.76 23.76
CA GLY B 155 -6.03 -20.04 23.32
C GLY B 155 -7.09 -19.45 24.26
N ASP B 156 -6.87 -19.56 25.55
CA ASP B 156 -7.83 -19.01 26.48
C ASP B 156 -7.90 -17.53 26.42
N LEU B 157 -6.75 -16.89 26.21
CA LEU B 157 -6.79 -15.44 26.12
C LEU B 157 -7.44 -15.09 24.77
N ALA B 158 -7.18 -15.87 23.73
CA ALA B 158 -7.75 -15.56 22.44
C ALA B 158 -9.30 -15.54 22.43
N LYS B 159 -9.88 -16.50 23.15
CA LYS B 159 -11.32 -16.68 23.26
C LYS B 159 -11.88 -15.45 24.01
N ALA B 160 -11.21 -15.06 25.08
CA ALA B 160 -11.64 -13.87 25.84
C ALA B 160 -11.53 -12.56 25.06
N VAL B 161 -10.43 -12.38 24.36
CA VAL B 161 -10.22 -11.15 23.60
C VAL B 161 -11.30 -11.04 22.54
N ARG B 162 -11.45 -12.11 21.80
CA ARG B 162 -12.43 -12.15 20.74
C ARG B 162 -13.87 -11.99 21.21
N GLU B 163 -14.20 -12.52 22.40
CA GLU B 163 -15.54 -12.37 22.95
C GLU B 163 -15.79 -10.89 23.33
N ALA B 164 -14.73 -10.18 23.77
CA ALA B 164 -14.83 -8.76 24.11
C ALA B 164 -14.88 -7.94 22.81
N GLY B 165 -14.93 -8.62 21.68
CA GLY B 165 -14.95 -7.94 20.41
C GLY B 165 -13.61 -7.35 19.93
N LEU B 166 -12.46 -7.73 20.49
CA LEU B 166 -11.20 -7.15 19.98
C LEU B 166 -10.44 -8.11 19.04
N ARG B 167 -9.55 -7.57 18.19
CA ARG B 167 -8.73 -8.41 17.33
C ARG B 167 -7.65 -9.12 18.20
N PHE B 168 -7.16 -10.26 17.70
CA PHE B 168 -6.16 -11.06 18.39
C PHE B 168 -5.00 -11.39 17.48
N GLY B 169 -3.79 -11.05 17.92
CA GLY B 169 -2.58 -11.36 17.15
C GLY B 169 -1.66 -12.15 18.10
N VAL B 170 -0.49 -12.52 17.60
CA VAL B 170 0.46 -13.30 18.37
C VAL B 170 1.85 -12.81 18.07
N TYR B 171 2.67 -12.89 19.10
CA TYR B 171 4.05 -12.50 19.04
C TYR B 171 4.85 -13.79 19.15
N TYR B 172 5.92 -13.89 18.37
CA TYR B 172 6.76 -15.07 18.40
C TYR B 172 8.20 -14.68 18.25
N SER B 173 9.06 -15.22 19.09
CA SER B 173 10.45 -14.87 18.94
C SER B 173 11.12 -15.87 17.99
N GLY B 174 11.05 -15.54 16.70
CA GLY B 174 11.68 -16.42 15.73
C GLY B 174 13.17 -16.27 15.65
N GLY B 175 13.69 -15.04 15.87
CA GLY B 175 15.10 -14.79 15.74
C GLY B 175 15.96 -15.28 16.89
N LEU B 176 15.35 -15.53 18.07
CA LEU B 176 16.13 -15.96 19.22
C LEU B 176 15.43 -17.05 19.98
N ASP B 177 16.23 -18.00 20.48
CA ASP B 177 15.69 -19.06 21.32
C ASP B 177 16.80 -19.62 22.17
N TRP B 178 16.80 -19.17 23.41
CA TRP B 178 17.82 -19.56 24.39
C TRP B 178 17.86 -21.06 24.76
N ARG B 179 16.88 -21.81 24.28
CA ARG B 179 16.91 -23.23 24.54
C ARG B 179 17.86 -23.78 23.50
N PHE B 180 18.31 -22.97 22.55
CA PHE B 180 19.21 -23.55 21.59
C PHE B 180 20.61 -22.96 21.61
N THR B 181 20.94 -22.16 22.61
CA THR B 181 22.28 -21.58 22.68
C THR B 181 22.71 -21.63 24.13
N THR B 182 23.98 -21.45 24.41
CA THR B 182 24.44 -21.48 25.79
C THR B 182 25.06 -20.15 26.18
N GLU B 183 25.73 -19.51 25.26
CA GLU B 183 26.43 -18.30 25.57
C GLU B 183 25.50 -17.09 25.54
N PRO B 184 25.61 -16.18 26.49
CA PRO B 184 24.70 -15.06 26.41
C PRO B 184 25.21 -13.95 25.50
N ILE B 185 24.27 -13.07 25.17
CA ILE B 185 24.56 -11.92 24.37
C ILE B 185 25.18 -10.90 25.34
N ARG B 186 26.41 -10.47 25.09
CA ARG B 186 27.01 -9.46 25.94
C ARG B 186 27.07 -8.12 25.20
N TYR B 187 27.19 -8.16 23.87
CA TYR B 187 27.26 -6.96 23.06
C TYR B 187 26.40 -7.16 21.82
N PRO B 188 26.00 -6.05 21.18
CA PRO B 188 25.16 -6.11 19.96
C PRO B 188 25.77 -7.05 18.86
N GLU B 189 27.08 -7.04 18.71
CA GLU B 189 27.75 -7.87 17.73
C GLU B 189 27.49 -9.37 17.93
N ASP B 190 27.37 -9.80 19.19
CA ASP B 190 27.11 -11.21 19.48
C ASP B 190 25.88 -11.75 18.73
N LEU B 191 24.86 -10.88 18.60
CA LEU B 191 23.63 -11.21 17.86
C LEU B 191 23.86 -11.71 16.43
N SER B 192 24.99 -11.33 15.86
CA SER B 192 25.29 -11.78 14.52
C SER B 192 25.72 -13.29 14.48
N TYR B 193 26.18 -13.87 15.59
CA TYR B 193 26.57 -15.30 15.52
C TYR B 193 25.98 -16.15 16.66
N ILE B 194 25.51 -15.52 17.75
CA ILE B 194 24.94 -16.35 18.78
C ILE B 194 23.42 -16.56 18.60
N ARG B 195 23.04 -17.51 17.75
CA ARG B 195 21.65 -17.85 17.39
C ARG B 195 21.61 -19.37 17.24
N PRO B 196 20.38 -19.96 17.18
CA PRO B 196 20.22 -21.41 17.01
C PRO B 196 21.11 -21.89 15.79
N ASN B 197 20.96 -21.22 14.63
CA ASN B 197 21.77 -21.48 13.47
C ASN B 197 21.56 -22.75 12.66
N THR B 198 20.88 -23.71 13.25
CA THR B 198 20.63 -25.00 12.62
C THR B 198 19.38 -25.09 11.76
N TYR B 199 19.35 -26.14 10.93
CA TYR B 199 18.20 -26.39 10.05
C TYR B 199 17.06 -26.87 10.98
N GLU B 200 17.41 -27.64 12.00
CA GLU B 200 16.44 -28.08 12.99
C GLU B 200 15.68 -26.86 13.54
N TYR B 201 16.39 -25.82 14.00
CA TYR B 201 15.70 -24.64 14.52
C TYR B 201 14.79 -23.91 13.47
N ALA B 202 15.26 -23.82 12.23
CA ALA B 202 14.48 -23.20 11.20
C ALA B 202 13.15 -23.98 10.96
N ASP B 203 13.18 -25.33 11.01
CA ASP B 203 11.95 -26.14 10.84
C ASP B 203 11.02 -25.84 11.99
N TYR B 204 11.60 -25.96 13.17
CA TYR B 204 10.91 -25.70 14.43
C TYR B 204 10.13 -24.37 14.44
N ALA B 205 10.77 -23.27 14.08
CA ALA B 205 10.12 -21.97 14.07
C ALA B 205 8.97 -21.99 13.07
N TYR B 206 9.23 -22.55 11.93
CA TYR B 206 8.22 -22.69 10.91
C TYR B 206 7.07 -23.53 11.42
N LYS B 207 7.39 -24.70 11.96
CA LYS B 207 6.32 -25.57 12.43
C LYS B 207 5.51 -24.89 13.53
N GLN B 208 6.18 -24.12 14.38
CA GLN B 208 5.42 -23.48 15.45
C GLN B 208 4.55 -22.32 15.00
N VAL B 209 4.98 -21.54 14.03
CA VAL B 209 4.13 -20.44 13.61
C VAL B 209 2.94 -20.99 12.82
N MET B 210 3.17 -22.04 12.00
CA MET B 210 2.13 -22.76 11.26
C MET B 210 1.08 -23.32 12.26
N GLU B 211 1.57 -23.81 13.39
CA GLU B 211 0.72 -24.35 14.40
C GLU B 211 -0.19 -23.25 14.97
N LEU B 212 0.36 -22.07 15.28
CA LEU B 212 -0.40 -20.94 15.79
C LEU B 212 -1.39 -20.48 14.73
N VAL B 213 -1.01 -20.48 13.44
CA VAL B 213 -1.96 -20.10 12.42
C VAL B 213 -3.17 -21.14 12.37
N ASP B 214 -2.86 -22.42 12.42
CA ASP B 214 -3.91 -23.43 12.39
C ASP B 214 -4.78 -23.48 13.65
N LEU B 215 -4.22 -23.21 14.83
CA LEU B 215 -4.97 -23.23 16.06
C LEU B 215 -5.74 -21.98 16.36
N TYR B 216 -5.23 -20.79 16.00
CA TYR B 216 -5.93 -19.57 16.40
C TYR B 216 -6.18 -18.55 15.34
N LEU B 217 -5.67 -18.80 14.11
CA LEU B 217 -5.78 -17.88 12.96
C LEU B 217 -5.67 -16.39 13.40
N PRO B 218 -4.55 -16.01 14.01
CA PRO B 218 -4.35 -14.65 14.49
C PRO B 218 -4.56 -13.58 13.46
N ASP B 219 -4.91 -12.38 13.94
CA ASP B 219 -5.14 -11.22 13.08
C ASP B 219 -3.81 -10.55 12.67
N VAL B 220 -2.78 -10.80 13.48
CA VAL B 220 -1.43 -10.25 13.25
C VAL B 220 -0.37 -11.28 13.61
N LEU B 221 0.63 -11.38 12.76
CA LEU B 221 1.79 -12.26 13.05
C LEU B 221 2.89 -11.30 13.39
N TRP B 222 3.26 -11.28 14.66
CA TRP B 222 4.29 -10.35 15.16
C TRP B 222 5.61 -11.07 15.48
N ASN B 223 6.52 -11.12 14.53
CA ASN B 223 7.80 -11.79 14.74
C ASN B 223 8.80 -10.86 15.41
N ASP B 224 9.71 -11.43 16.18
CA ASP B 224 10.72 -10.58 16.68
C ASP B 224 12.10 -11.16 16.39
N MET B 225 13.06 -10.26 16.25
CA MET B 225 14.45 -10.55 16.06
C MET B 225 14.86 -11.22 14.78
N GLY B 226 14.12 -10.98 13.72
CA GLY B 226 14.44 -11.57 12.45
C GLY B 226 14.04 -13.02 12.42
N TRP B 227 14.14 -13.61 11.24
CA TRP B 227 13.80 -15.01 11.08
C TRP B 227 15.06 -15.74 10.69
N PRO B 228 15.21 -16.96 11.17
CA PRO B 228 16.38 -17.81 10.88
C PRO B 228 16.70 -17.79 9.41
N GLU B 229 17.94 -17.47 9.11
CA GLU B 229 18.40 -17.36 7.71
C GLU B 229 18.01 -18.62 6.89
N LYS B 230 18.19 -19.78 7.47
CA LYS B 230 17.85 -21.00 6.77
C LYS B 230 16.36 -21.13 6.44
N GLY B 231 15.50 -20.40 7.14
CA GLY B 231 14.08 -20.50 6.92
C GLY B 231 13.42 -19.34 6.19
N LYS B 232 14.17 -18.31 5.83
CA LYS B 232 13.57 -17.17 5.14
C LYS B 232 12.73 -17.50 3.95
N GLU B 233 13.17 -18.42 3.11
CA GLU B 233 12.42 -18.79 1.96
C GLU B 233 11.10 -19.44 2.34
N ASP B 234 11.02 -20.02 3.53
CA ASP B 234 9.79 -20.63 4.05
C ASP B 234 8.65 -19.64 4.17
N LEU B 235 9.01 -18.39 4.55
CA LEU B 235 8.05 -17.34 4.75
C LEU B 235 7.20 -17.11 3.52
N LYS B 236 7.72 -17.40 2.31
CA LYS B 236 6.85 -17.20 1.12
C LYS B 236 5.65 -18.12 1.25
N TYR B 237 5.92 -19.38 1.63
CA TYR B 237 4.82 -20.36 1.78
C TYR B 237 3.91 -20.06 2.98
N LEU B 238 4.52 -19.74 4.12
CA LEU B 238 3.78 -19.45 5.32
C LEU B 238 2.88 -18.22 5.16
N PHE B 239 3.40 -17.15 4.51
CA PHE B 239 2.60 -15.94 4.30
C PHE B 239 1.43 -16.28 3.34
N ALA B 240 1.75 -17.03 2.27
CA ALA B 240 0.71 -17.37 1.31
C ALA B 240 -0.40 -18.20 2.00
N TYR B 241 0.04 -19.20 2.76
CA TYR B 241 -0.82 -20.07 3.55
C TYR B 241 -1.67 -19.20 4.50
N TYR B 242 -1.03 -18.29 5.20
CA TYR B 242 -1.75 -17.46 6.12
C TYR B 242 -2.79 -16.52 5.50
N TYR B 243 -2.40 -15.77 4.47
CA TYR B 243 -3.30 -14.88 3.81
C TYR B 243 -4.46 -15.58 3.06
N ASN B 244 -4.24 -16.82 2.59
CA ASN B 244 -5.27 -17.54 1.90
C ASN B 244 -6.31 -18.07 2.89
N LYS B 245 -5.93 -18.19 4.18
CA LYS B 245 -6.88 -18.60 5.20
C LYS B 245 -7.44 -17.32 5.85
N HIS B 246 -6.67 -16.22 5.86
CA HIS B 246 -7.14 -15.01 6.50
C HIS B 246 -6.61 -13.77 5.74
N PRO B 247 -7.32 -13.35 4.72
CA PRO B 247 -6.87 -12.17 3.96
C PRO B 247 -6.74 -10.91 4.83
N GLU B 248 -7.53 -10.82 5.91
CA GLU B 248 -7.43 -9.70 6.78
C GLU B 248 -6.41 -9.83 7.88
N GLY B 249 -5.63 -10.88 7.79
CA GLY B 249 -4.53 -11.07 8.71
C GLY B 249 -3.43 -10.07 8.26
N SER B 250 -2.40 -9.96 9.08
CA SER B 250 -1.29 -9.09 8.77
C SER B 250 0.00 -9.54 9.47
N VAL B 251 1.11 -9.05 8.92
CA VAL B 251 2.43 -9.37 9.49
C VAL B 251 3.29 -8.08 9.67
N ASN B 252 4.13 -8.08 10.70
CA ASN B 252 5.02 -6.93 10.91
C ASN B 252 6.32 -7.04 10.01
N ASP B 253 7.36 -6.27 10.33
CA ASP B 253 8.56 -6.12 9.51
C ASP B 253 9.82 -6.65 10.12
N ARG B 254 9.70 -7.56 11.08
CA ARG B 254 10.88 -8.08 11.74
C ARG B 254 11.22 -9.50 11.34
N TRP B 255 10.92 -9.86 10.09
CA TRP B 255 11.22 -11.15 9.53
C TRP B 255 12.48 -11.09 8.69
N GLY B 256 12.81 -9.91 8.20
CA GLY B 256 14.01 -9.80 7.40
C GLY B 256 13.82 -10.32 6.01
N VAL B 257 12.59 -10.32 5.51
CA VAL B 257 12.34 -10.71 4.10
C VAL B 257 11.69 -9.54 3.37
N PRO B 258 11.55 -9.65 2.05
CA PRO B 258 10.95 -8.59 1.21
C PRO B 258 9.55 -8.11 1.56
N HIS B 259 8.76 -8.96 2.21
CA HIS B 259 7.39 -8.64 2.56
C HIS B 259 7.06 -8.27 4.00
N TRP B 260 6.13 -7.34 4.16
CA TRP B 260 5.64 -6.91 5.49
C TRP B 260 4.43 -6.02 5.26
N ASP B 261 3.54 -5.92 6.23
CA ASP B 261 2.39 -5.05 6.02
C ASP B 261 2.54 -3.74 6.74
N PHE B 262 3.29 -3.73 7.83
CA PHE B 262 3.53 -2.52 8.61
C PHE B 262 4.88 -2.64 9.31
N LYS B 263 5.55 -1.48 9.43
CA LYS B 263 6.85 -1.41 10.09
C LYS B 263 6.74 -1.12 11.59
N THR B 264 7.85 -1.19 12.29
CA THR B 264 7.83 -1.04 13.74
C THR B 264 8.98 -0.20 14.29
N ALA B 265 8.74 0.45 15.42
CA ALA B 265 9.71 1.27 16.08
C ALA B 265 9.56 0.89 17.56
N GLU B 266 10.66 0.88 18.29
CA GLU B 266 10.74 0.49 19.69
C GLU B 266 11.52 1.54 20.49
N TYR B 267 10.85 2.17 21.48
CA TYR B 267 11.43 3.28 22.25
C TYR B 267 12.04 4.27 21.23
N HIS B 268 13.29 4.66 21.39
CA HIS B 268 13.88 5.58 20.44
C HIS B 268 14.20 4.99 19.05
N VAL B 269 14.40 3.69 18.98
CA VAL B 269 14.74 3.01 17.74
C VAL B 269 13.75 3.06 16.55
N ASN B 270 14.25 3.64 15.45
CA ASN B 270 13.50 3.83 14.21
C ASN B 270 12.28 4.69 14.36
N TYR B 271 12.22 5.49 15.42
CA TYR B 271 11.08 6.38 15.61
C TYR B 271 11.10 7.50 14.54
N PRO B 272 10.00 7.69 13.83
CA PRO B 272 9.97 8.75 12.81
C PRO B 272 9.76 10.16 13.40
N GLY B 273 10.48 11.13 12.86
CA GLY B 273 10.29 12.50 13.31
C GLY B 273 9.15 13.18 12.53
N ASP B 274 8.70 12.55 11.44
CA ASP B 274 7.63 13.11 10.61
C ASP B 274 6.89 12.02 9.84
N LEU B 275 5.93 12.40 9.00
CA LEU B 275 5.15 11.41 8.22
C LEU B 275 6.08 10.46 7.41
N PRO B 276 6.06 9.15 7.72
CA PRO B 276 6.92 8.18 7.03
C PRO B 276 6.50 7.84 5.62
N GLY B 277 5.20 7.68 5.38
CA GLY B 277 4.77 7.34 4.03
C GLY B 277 4.36 5.91 3.86
N TYR B 278 4.24 5.17 4.97
CA TYR B 278 3.83 3.74 5.02
C TYR B 278 3.28 3.50 6.42
N LYS B 279 2.48 2.48 6.58
CA LYS B 279 1.95 2.17 7.92
C LYS B 279 3.04 1.57 8.82
N TRP B 280 2.99 1.93 10.11
CA TRP B 280 3.93 1.49 11.14
C TRP B 280 3.23 1.51 12.49
N GLU B 281 3.91 0.90 13.46
CA GLU B 281 3.40 0.77 14.79
C GLU B 281 4.53 1.00 15.81
N PHE B 282 4.17 1.74 16.86
CA PHE B 282 5.14 2.05 17.91
C PHE B 282 4.93 1.20 19.14
N THR B 283 5.99 0.66 19.66
CA THR B 283 5.79 -0.08 20.84
C THR B 283 6.80 0.31 21.90
N ARG B 284 6.37 0.14 23.14
CA ARG B 284 7.16 0.37 24.37
C ARG B 284 6.38 -0.07 25.58
N GLY B 285 7.07 -0.23 26.69
CA GLY B 285 6.38 -0.58 27.91
C GLY B 285 5.85 0.69 28.58
N ILE B 286 5.04 0.50 29.62
CA ILE B 286 4.51 1.61 30.40
C ILE B 286 5.76 2.13 31.16
N GLY B 287 6.66 1.20 31.51
CA GLY B 287 7.93 1.57 32.12
C GLY B 287 9.06 1.40 31.05
N LEU B 288 10.23 0.94 31.51
CA LEU B 288 11.39 0.69 30.65
C LEU B 288 11.55 -0.81 30.29
N SER B 289 10.67 -1.67 30.78
CA SER B 289 10.80 -3.07 30.51
C SER B 289 9.59 -3.57 29.71
N PHE B 290 9.63 -4.79 29.17
CA PHE B 290 8.39 -5.28 28.53
C PHE B 290 7.84 -6.24 29.55
N GLY B 291 8.70 -7.11 30.08
CA GLY B 291 8.25 -8.03 31.12
C GLY B 291 8.11 -7.27 32.44
N TYR B 292 7.29 -7.80 33.33
CA TYR B 292 7.13 -7.17 34.62
C TYR B 292 8.47 -6.90 35.35
N ASN B 293 8.64 -5.70 35.89
CA ASN B 293 9.85 -5.39 36.67
C ASN B 293 9.38 -4.83 38.03
N ARG B 294 9.48 -5.64 39.06
CA ARG B 294 9.09 -5.21 40.40
C ARG B 294 10.02 -4.04 40.87
N ASN B 295 11.12 -3.79 40.16
CA ASN B 295 12.05 -2.70 40.45
C ASN B 295 11.60 -1.38 39.87
N GLU B 296 10.53 -1.34 39.12
CA GLU B 296 10.18 -0.05 38.62
C GLU B 296 9.18 0.68 39.49
N GLY B 297 9.46 1.97 39.69
CA GLY B 297 8.53 2.79 40.43
C GLY B 297 7.87 3.73 39.42
N PRO B 298 6.95 4.60 39.87
CA PRO B 298 6.32 5.50 38.91
C PRO B 298 7.30 6.45 38.22
N GLU B 299 8.47 6.64 38.81
CA GLU B 299 9.53 7.51 38.25
C GLU B 299 10.03 6.94 36.95
N HIS B 300 9.75 5.68 36.70
CA HIS B 300 10.21 5.02 35.50
C HIS B 300 9.13 4.88 34.47
N MET B 301 7.93 5.19 34.86
CA MET B 301 6.83 5.05 33.95
C MET B 301 6.32 6.31 33.39
N LEU B 302 5.66 6.16 32.25
CA LEU B 302 5.01 7.25 31.59
C LEU B 302 3.85 7.60 32.50
N SER B 303 3.43 8.87 32.46
CA SER B 303 2.27 9.31 33.21
C SER B 303 1.12 9.25 32.19
N VAL B 304 -0.12 9.14 32.66
CA VAL B 304 -1.26 9.16 31.73
C VAL B 304 -1.08 10.28 30.68
N GLU B 305 -0.70 11.47 31.11
CA GLU B 305 -0.56 12.54 30.15
C GLU B 305 0.48 12.21 29.05
N GLN B 306 1.64 11.70 29.45
CA GLN B 306 2.68 11.36 28.48
C GLN B 306 2.16 10.21 27.56
N LEU B 307 1.34 9.33 28.13
CA LEU B 307 0.78 8.27 27.34
C LEU B 307 -0.09 8.89 26.27
N VAL B 308 -0.95 9.81 26.67
CA VAL B 308 -1.80 10.45 25.69
C VAL B 308 -0.97 11.13 24.59
N TYR B 309 0.10 11.80 25.02
CA TYR B 309 0.94 12.51 24.08
C TYR B 309 1.62 11.56 23.14
N THR B 310 2.06 10.43 23.68
CA THR B 310 2.71 9.45 22.87
C THR B 310 1.72 8.96 21.82
N LEU B 311 0.54 8.60 22.27
CA LEU B 311 -0.44 8.12 21.32
C LEU B 311 -0.69 9.16 20.24
N VAL B 312 -0.95 10.41 20.64
CA VAL B 312 -1.22 11.41 19.66
C VAL B 312 -0.11 11.64 18.64
N ASP B 313 1.13 11.67 19.11
CA ASP B 313 2.22 11.87 18.20
C ASP B 313 2.27 10.72 17.21
N VAL B 314 2.15 9.54 17.75
CA VAL B 314 2.15 8.37 16.92
C VAL B 314 1.04 8.37 15.85
N VAL B 315 -0.21 8.54 16.27
CA VAL B 315 -1.29 8.51 15.31
C VAL B 315 -1.21 9.65 14.26
N SER B 316 -0.69 10.80 14.67
CA SER B 316 -0.65 11.87 13.71
C SER B 316 0.38 11.56 12.59
N LYS B 317 1.33 10.69 12.92
CA LYS B 317 2.37 10.28 11.97
C LYS B 317 1.94 9.00 11.21
N GLY B 318 0.67 8.66 11.28
CA GLY B 318 0.19 7.47 10.60
C GLY B 318 0.43 6.18 11.34
N GLY B 319 0.96 6.20 12.55
CA GLY B 319 1.12 4.92 13.20
C GLY B 319 0.01 4.46 14.14
N ASN B 320 0.25 3.27 14.72
CA ASN B 320 -0.62 2.65 15.71
C ASN B 320 0.32 2.54 16.93
N LEU B 321 -0.22 2.67 18.14
CA LEU B 321 0.59 2.47 19.35
C LEU B 321 0.25 1.06 19.90
N LEU B 322 1.31 0.33 20.19
CA LEU B 322 1.19 -1.01 20.71
C LEU B 322 1.81 -0.91 22.11
N LEU B 323 0.96 -0.55 23.07
CA LEU B 323 1.39 -0.36 24.44
C LEU B 323 1.50 -1.68 25.15
N ASN B 324 2.63 -1.89 25.75
CA ASN B 324 2.84 -3.15 26.44
C ASN B 324 2.51 -3.16 27.91
N VAL B 325 1.88 -4.25 28.37
CA VAL B 325 1.66 -4.43 29.79
C VAL B 325 2.43 -5.70 30.19
N GLY B 326 3.02 -5.66 31.37
CA GLY B 326 3.79 -6.77 31.88
C GLY B 326 3.19 -7.33 33.18
N PRO B 327 2.32 -8.33 33.03
CA PRO B 327 1.62 -9.04 34.13
C PRO B 327 2.59 -9.78 35.04
N LYS B 328 2.09 -10.16 36.23
CA LYS B 328 2.90 -10.87 37.22
C LYS B 328 2.79 -12.38 36.99
N GLY B 329 3.71 -13.14 37.61
CA GLY B 329 3.66 -14.60 37.56
C GLY B 329 2.27 -15.13 37.91
N ASP B 330 1.54 -14.51 38.85
CA ASP B 330 0.19 -15.03 39.18
C ASP B 330 -0.94 -14.60 38.25
N GLY B 331 -0.55 -14.00 37.13
CA GLY B 331 -1.55 -13.56 36.19
C GLY B 331 -2.24 -12.24 36.51
N THR B 332 -1.75 -11.44 37.46
CA THR B 332 -2.42 -10.15 37.71
C THR B 332 -1.60 -9.00 37.10
N ILE B 333 -2.29 -7.92 36.79
CA ILE B 333 -1.65 -6.75 36.23
C ILE B 333 -1.33 -5.71 37.29
N PRO B 334 -0.04 -5.47 37.58
CA PRO B 334 0.36 -4.49 38.60
C PRO B 334 -0.43 -3.18 38.54
N ASP B 335 -0.88 -2.72 39.70
CA ASP B 335 -1.70 -1.49 39.82
C ASP B 335 -1.20 -0.25 39.08
N LEU B 336 0.12 -0.02 39.13
CA LEU B 336 0.71 1.12 38.45
C LEU B 336 0.42 1.11 36.97
N GLN B 337 0.37 -0.09 36.41
CA GLN B 337 0.08 -0.24 35.01
C GLN B 337 -1.43 -0.19 34.79
N LYS B 338 -2.17 -0.88 35.63
CA LYS B 338 -3.63 -0.88 35.47
C LYS B 338 -4.14 0.58 35.50
N GLU B 339 -3.64 1.39 36.43
CA GLU B 339 -4.10 2.76 36.54
C GLU B 339 -3.84 3.63 35.32
N ARG B 340 -2.64 3.50 34.77
CA ARG B 340 -2.26 4.23 33.59
C ARG B 340 -3.14 3.82 32.42
N LEU B 341 -3.38 2.53 32.30
CA LEU B 341 -4.26 2.03 31.25
C LEU B 341 -5.65 2.66 31.30
N LEU B 342 -6.16 2.83 32.53
CA LEU B 342 -7.48 3.38 32.71
C LEU B 342 -7.51 4.90 32.42
N GLY B 343 -6.46 5.60 32.81
CA GLY B 343 -6.42 7.03 32.52
C GLY B 343 -6.56 7.20 31.02
N LEU B 344 -5.72 6.47 30.28
CA LEU B 344 -5.71 6.49 28.84
C LEU B 344 -7.08 6.12 28.27
N GLY B 345 -7.68 5.05 28.81
CA GLY B 345 -9.00 4.68 28.37
C GLY B 345 -9.98 5.83 28.55
N GLU B 346 -9.90 6.57 29.67
CA GLU B 346 -10.78 7.72 29.97
C GLU B 346 -10.65 8.82 28.91
N TRP B 347 -9.41 9.13 28.59
CA TRP B 347 -9.11 10.13 27.59
C TRP B 347 -9.66 9.74 26.21
N LEU B 348 -9.56 8.45 25.89
CA LEU B 348 -10.01 7.94 24.60
C LEU B 348 -11.51 7.95 24.48
N ARG B 349 -12.19 7.96 25.64
CA ARG B 349 -13.64 8.00 25.67
C ARG B 349 -14.11 9.40 25.23
N LYS B 350 -13.43 10.42 25.71
CA LYS B 350 -13.81 11.78 25.35
C LYS B 350 -13.37 12.13 23.92
N TYR B 351 -12.06 11.96 23.69
CA TYR B 351 -11.41 12.32 22.43
C TYR B 351 -11.26 11.28 21.30
N GLY B 352 -11.64 10.03 21.55
CA GLY B 352 -11.54 9.00 20.55
C GLY B 352 -11.97 9.26 19.10
N ASP B 353 -12.93 10.16 18.90
CA ASP B 353 -13.34 10.40 17.54
C ASP B 353 -12.30 11.13 16.66
N ALA B 354 -11.31 11.78 17.29
CA ALA B 354 -10.23 12.46 16.56
C ALA B 354 -9.00 11.50 16.44
N ILE B 355 -9.19 10.23 16.84
CA ILE B 355 -8.11 9.23 16.80
C ILE B 355 -8.45 8.01 15.93
N TYR B 356 -9.38 7.22 16.41
CA TYR B 356 -9.80 6.03 15.66
C TYR B 356 -10.30 6.41 14.27
N GLY B 357 -10.03 5.56 13.28
CA GLY B 357 -10.49 5.80 11.93
C GLY B 357 -9.95 7.05 11.26
N THR B 358 -9.00 7.75 11.88
CA THR B 358 -8.47 8.94 11.24
C THR B 358 -7.33 8.63 10.25
N SER B 359 -6.90 9.65 9.52
CA SER B 359 -5.83 9.56 8.57
C SER B 359 -4.89 10.70 8.85
N VAL B 360 -3.68 10.62 8.30
CA VAL B 360 -2.75 11.70 8.49
C VAL B 360 -3.19 12.90 7.64
N TRP B 361 -2.71 14.07 8.02
CA TRP B 361 -3.04 15.27 7.28
C TRP B 361 -1.82 15.63 6.41
N GLU B 362 -1.67 16.90 6.04
CA GLU B 362 -0.54 17.34 5.21
C GLU B 362 0.77 17.41 5.98
N ARG B 363 0.60 17.75 7.24
CA ARG B 363 1.67 17.87 8.18
C ARG B 363 1.12 17.25 9.45
N CYS B 364 2.00 16.69 10.25
CA CYS B 364 1.65 16.01 11.46
C CYS B 364 1.72 16.91 12.63
N CYS B 365 2.56 17.92 12.49
CA CYS B 365 2.92 18.71 13.62
C CYS B 365 2.99 20.25 13.49
N ALA B 366 2.94 20.92 14.64
CA ALA B 366 3.01 22.36 14.69
C ALA B 366 3.25 22.75 16.11
N LYS B 367 3.41 24.03 16.34
CA LYS B 367 3.58 24.51 17.67
C LYS B 367 3.05 25.91 17.85
N THR B 368 2.78 26.26 19.11
CA THR B 368 2.29 27.60 19.39
C THR B 368 3.48 28.48 19.64
N GLU B 369 3.22 29.76 19.51
CA GLU B 369 4.20 30.79 19.73
C GLU B 369 4.84 30.65 21.11
N ASP B 370 4.13 30.03 22.03
CA ASP B 370 4.69 29.83 23.38
C ASP B 370 5.35 28.44 23.56
N GLY B 371 5.40 27.63 22.50
CA GLY B 371 6.03 26.31 22.63
C GLY B 371 5.16 25.09 22.93
N THR B 372 3.84 25.23 23.01
CA THR B 372 3.06 24.04 23.21
C THR B 372 3.04 23.33 21.84
N GLU B 373 3.26 22.02 21.85
CA GLU B 373 3.26 21.25 20.60
C GLU B 373 1.84 20.84 20.17
N ILE B 374 1.65 20.76 18.86
CA ILE B 374 0.37 20.38 18.24
C ILE B 374 0.50 19.25 17.17
N ARG B 375 -0.56 18.47 17.04
CA ARG B 375 -0.59 17.39 16.10
C ARG B 375 -1.91 17.38 15.35
N PHE B 376 -1.91 16.93 14.11
CA PHE B 376 -3.13 16.88 13.32
C PHE B 376 -3.58 15.47 12.92
N THR B 377 -4.89 15.29 12.72
CA THR B 377 -5.44 14.06 12.24
C THR B 377 -6.63 14.41 11.32
N ARG B 378 -6.95 13.55 10.39
CA ARG B 378 -8.00 13.92 9.49
C ARG B 378 -9.14 12.89 9.42
N LYS B 379 -10.33 13.35 9.05
CA LYS B 379 -11.49 12.52 8.83
C LYS B 379 -12.22 13.31 7.75
N CYS B 380 -11.87 12.95 6.53
CA CYS B 380 -12.38 13.60 5.34
C CYS B 380 -12.06 15.07 5.33
N ASN B 381 -13.09 15.90 5.43
CA ASN B 381 -12.96 17.35 5.40
C ASN B 381 -12.74 17.91 6.81
N ARG B 382 -12.83 17.02 7.80
CA ARG B 382 -12.62 17.39 9.19
C ARG B 382 -11.13 17.21 9.56
N ILE B 383 -10.53 18.26 10.10
CA ILE B 383 -9.18 18.19 10.54
C ILE B 383 -9.15 18.34 12.06
N PHE B 384 -8.54 17.41 12.77
CA PHE B 384 -8.47 17.61 14.19
C PHE B 384 -7.16 18.21 14.53
N VAL B 385 -7.21 19.19 15.43
CA VAL B 385 -6.03 19.92 15.93
C VAL B 385 -5.90 19.53 17.41
N ILE B 386 -4.79 18.86 17.73
CA ILE B 386 -4.59 18.38 19.08
C ILE B 386 -3.39 18.97 19.74
N PHE B 387 -3.64 19.72 20.80
CA PHE B 387 -2.59 20.39 21.56
C PHE B 387 -2.03 19.45 22.60
N LEU B 388 -0.73 19.37 22.76
CA LEU B 388 -0.23 18.46 23.77
C LEU B 388 -0.18 19.22 25.12
N GLY B 389 -1.37 19.50 25.60
CA GLY B 389 -1.48 20.24 26.84
C GLY B 389 -2.65 21.20 26.65
N ILE B 390 -2.97 21.93 27.70
CA ILE B 390 -4.05 22.88 27.61
C ILE B 390 -3.47 24.23 27.92
N PRO B 391 -3.41 25.09 26.91
CA PRO B 391 -2.86 26.44 27.04
C PRO B 391 -3.66 27.33 28.00
N THR B 392 -2.93 28.13 28.79
CA THR B 392 -3.53 29.05 29.75
C THR B 392 -4.25 30.27 29.12
N GLY B 393 -3.56 31.03 28.25
CA GLY B 393 -4.21 32.20 27.68
C GLY B 393 -5.33 31.83 26.75
N GLU B 394 -6.34 32.69 26.59
CA GLU B 394 -7.44 32.40 25.67
C GLU B 394 -6.95 32.76 24.27
N LYS B 395 -5.80 33.41 24.21
CA LYS B 395 -5.26 33.79 22.91
C LYS B 395 -4.22 32.75 22.56
N ILE B 396 -4.47 32.08 21.44
CA ILE B 396 -3.56 31.05 21.02
C ILE B 396 -2.98 31.39 19.69
N VAL B 397 -1.64 31.40 19.63
CA VAL B 397 -0.98 31.68 18.37
C VAL B 397 -0.24 30.46 17.83
N ILE B 398 -0.66 29.98 16.66
CA ILE B 398 0.02 28.84 16.05
C ILE B 398 0.96 29.31 14.96
N GLU B 399 2.25 29.02 15.12
CA GLU B 399 3.28 29.41 14.16
C GLU B 399 3.27 28.62 12.88
N ASP B 400 3.49 29.31 11.78
CA ASP B 400 3.63 28.68 10.46
C ASP B 400 2.43 27.92 9.97
N LEU B 401 1.26 28.51 10.14
CA LEU B 401 0.06 27.84 9.74
C LEU B 401 -1.05 28.79 9.32
N ASN B 402 -1.74 28.45 8.23
CA ASN B 402 -2.87 29.24 7.72
C ASN B 402 -4.01 28.26 7.40
N LEU B 403 -5.26 28.72 7.36
CA LEU B 403 -6.38 27.84 7.05
C LEU B 403 -7.39 28.44 6.14
N SER B 404 -7.86 27.63 5.20
CA SER B 404 -8.84 28.09 4.24
C SER B 404 -10.15 27.42 4.62
N ALA B 405 -10.32 27.17 5.92
CA ALA B 405 -11.49 26.49 6.40
C ALA B 405 -12.74 27.38 6.47
N GLY B 406 -12.73 28.36 7.36
CA GLY B 406 -13.91 29.19 7.46
C GLY B 406 -14.63 28.88 8.77
N THR B 407 -14.50 27.65 9.24
CA THR B 407 -15.10 27.30 10.51
C THR B 407 -14.19 26.41 11.37
N VAL B 408 -14.06 26.76 12.64
CA VAL B 408 -13.24 26.03 13.58
C VAL B 408 -14.03 25.87 14.86
N ARG B 409 -14.24 24.64 15.30
CA ARG B 409 -15.02 24.39 16.50
C ARG B 409 -14.20 23.86 17.64
N HIS B 410 -14.63 24.09 18.87
CA HIS B 410 -13.92 23.53 19.99
C HIS B 410 -14.56 22.16 20.00
N PHE B 411 -13.73 21.10 19.81
CA PHE B 411 -14.13 19.69 19.71
C PHE B 411 -15.20 19.11 20.68
N LEU B 412 -14.91 19.16 21.98
CA LEU B 412 -15.82 18.62 23.01
C LEU B 412 -17.21 19.29 23.14
N THR B 413 -17.29 20.61 23.04
CA THR B 413 -18.57 21.32 23.15
C THR B 413 -19.14 21.61 21.76
N GLY B 414 -18.27 21.61 20.77
CA GLY B 414 -18.73 21.88 19.42
C GLY B 414 -18.86 23.36 19.14
N GLU B 415 -18.54 24.20 20.13
CA GLU B 415 -18.65 25.65 19.96
C GLU B 415 -17.77 26.37 18.93
N ARG B 416 -18.41 26.97 17.93
CA ARG B 416 -17.78 27.73 16.86
C ARG B 416 -16.82 28.73 17.48
N LEU B 417 -15.59 28.78 16.99
CA LEU B 417 -14.62 29.71 17.55
C LEU B 417 -14.19 30.72 16.50
N SER B 418 -13.62 31.80 16.99
CA SER B 418 -13.14 32.88 16.18
C SER B 418 -11.68 32.75 15.90
N PHE B 419 -11.33 32.84 14.63
CA PHE B 419 -9.94 32.77 14.26
C PHE B 419 -9.68 33.56 13.00
N LYS B 420 -8.42 33.77 12.71
CA LYS B 420 -8.03 34.48 11.49
C LYS B 420 -6.57 34.16 11.21
N ASN B 421 -6.20 34.13 9.94
CA ASN B 421 -4.83 33.89 9.56
C ASN B 421 -4.18 35.27 9.62
N VAL B 422 -3.20 35.40 10.50
CA VAL B 422 -2.50 36.65 10.66
C VAL B 422 -1.07 36.46 10.11
N GLY B 423 -0.92 36.69 8.81
CA GLY B 423 0.39 36.52 8.22
C GLY B 423 0.76 35.06 8.09
N LYS B 424 1.92 34.69 8.60
CA LYS B 424 2.37 33.30 8.49
C LYS B 424 1.81 32.41 9.60
N ASN B 425 1.10 33.04 10.56
CA ASN B 425 0.51 32.35 11.69
C ASN B 425 -1.01 32.25 11.63
N LEU B 426 -1.58 31.63 12.64
CA LEU B 426 -3.01 31.50 12.74
C LEU B 426 -3.38 31.83 14.19
N GLU B 427 -4.39 32.68 14.36
CA GLU B 427 -4.84 33.08 15.69
C GLU B 427 -6.25 32.65 15.97
N ILE B 428 -6.43 32.05 17.13
CA ILE B 428 -7.73 31.57 17.59
C ILE B 428 -7.87 31.96 19.03
N THR B 429 -9.10 32.28 19.38
CA THR B 429 -9.45 32.68 20.73
C THR B 429 -10.22 31.51 21.31
N VAL B 430 -9.77 31.04 22.45
CA VAL B 430 -10.43 29.92 23.07
C VAL B 430 -10.90 30.38 24.44
N PRO B 431 -12.23 30.56 24.60
CA PRO B 431 -12.88 31.00 25.85
C PRO B 431 -12.45 30.06 26.98
N LYS B 432 -11.80 30.63 28.00
CA LYS B 432 -11.32 29.84 29.13
C LYS B 432 -12.39 28.88 29.67
N LYS B 433 -13.67 29.13 29.37
CA LYS B 433 -14.72 28.25 29.86
C LYS B 433 -14.51 26.95 29.15
N LEU B 434 -14.22 27.02 27.86
CA LEU B 434 -13.98 25.81 27.07
C LEU B 434 -12.65 25.24 27.46
N LEU B 435 -11.60 26.06 27.37
CA LEU B 435 -10.30 25.57 27.75
C LEU B 435 -10.43 24.72 28.99
N GLU B 436 -11.17 25.20 29.97
CA GLU B 436 -11.26 24.47 31.21
C GLU B 436 -12.08 23.20 31.14
N THR B 437 -12.81 23.00 30.07
CA THR B 437 -13.57 21.79 29.95
C THR B 437 -12.69 20.56 29.47
N ASP B 438 -11.61 20.85 28.74
CA ASP B 438 -10.71 19.83 28.21
C ASP B 438 -9.84 19.14 29.23
N SER B 439 -9.57 17.86 28.98
CA SER B 439 -8.79 17.04 29.92
C SER B 439 -7.26 17.07 29.84
N ILE B 440 -6.64 16.57 28.80
CA ILE B 440 -5.18 16.64 28.89
C ILE B 440 -4.70 17.43 27.68
N THR B 441 -5.58 17.47 26.70
CA THR B 441 -5.30 18.08 25.46
C THR B 441 -6.43 19.01 25.06
N LEU B 442 -6.06 20.19 24.58
CA LEU B 442 -7.05 21.05 24.02
C LEU B 442 -7.23 20.43 22.63
N VAL B 443 -8.45 20.30 22.16
CA VAL B 443 -8.65 19.75 20.85
C VAL B 443 -9.66 20.58 20.09
N LEU B 444 -9.31 20.98 18.88
CA LEU B 444 -10.20 21.74 18.05
C LEU B 444 -10.39 20.91 16.80
N GLU B 445 -11.46 21.19 16.10
CA GLU B 445 -11.85 20.54 14.88
C GLU B 445 -12.05 21.71 13.90
N ALA B 446 -11.43 21.61 12.73
CA ALA B 446 -11.53 22.62 11.69
C ALA B 446 -12.18 21.90 10.56
N VAL B 447 -12.98 22.62 9.77
CA VAL B 447 -13.66 22.00 8.65
C VAL B 447 -13.45 22.83 7.40
N GLU B 448 -12.93 22.18 6.36
CA GLU B 448 -12.62 22.81 5.05
C GLU B 448 -13.60 22.31 3.97
#